data_7ERP
#
_entry.id   7ERP
#
_cell.length_a   83.360
_cell.length_b   101.329
_cell.length_c   109.502
_cell.angle_alpha   90.000
_cell.angle_beta   90.000
_cell.angle_gamma   90.000
#
_symmetry.space_group_name_H-M   'P 21 21 21'
#
loop_
_entity.id
_entity.type
_entity.pdbx_description
1 polymer 'LysR family transcriptional regulator'
2 non-polymer 'SULFITE ION'
3 water water
#
_entity_poly.entity_id   1
_entity_poly.type   'polypeptide(L)'
_entity_poly.pdbx_seq_one_letter_code
;GAMGRNDNGAIRVYASSTIGNYILPEIIARYRRDFPDLPLEMSVGNSLDVVQAVCDFRVDIGLIEGPCHMAEIVAQPWLE
DELVVFASPASPLLEGEVTLERLAAMPWILREKGSGTREIVDYLLLSHLPQFRLSMELGNSEAIKHAVRHGLGVSCLSRR
VIAEQLETGSLVEVKVPLPPLVRTLYRIHHRQKHLSSALARFLRYCEL
;
_entity_poly.pdbx_strand_id   A,B,C,D
#
loop_
_chem_comp.id
_chem_comp.type
_chem_comp.name
_chem_comp.formula
SO3 non-polymer 'SULFITE ION' 'O3 S -2'
#
# COMPACT_ATOMS: atom_id res chain seq x y z
N ALA A 10 15.30 -3.48 12.13
CA ALA A 10 15.52 -3.32 10.70
C ALA A 10 14.69 -2.17 10.13
N ILE A 11 15.24 -1.48 9.14
CA ILE A 11 14.57 -0.36 8.48
C ILE A 11 14.53 -0.64 6.98
N ARG A 12 13.40 -0.33 6.36
CA ARG A 12 13.21 -0.49 4.92
C ARG A 12 12.84 0.85 4.33
N VAL A 13 13.67 1.35 3.41
CA VAL A 13 13.52 2.68 2.84
C VAL A 13 13.45 2.56 1.32
N TYR A 14 12.48 3.23 0.72
CA TYR A 14 12.32 3.27 -0.74
C TYR A 14 12.41 4.73 -1.18
N ALA A 15 13.40 5.03 -2.02
CA ALA A 15 13.62 6.38 -2.51
C ALA A 15 13.47 6.43 -4.03
N SER A 16 13.01 7.58 -4.52
CA SER A 16 12.97 7.82 -5.95
C SER A 16 14.39 8.01 -6.48
N SER A 17 14.49 8.14 -7.81
CA SER A 17 15.78 8.03 -8.49
C SER A 17 16.78 9.07 -7.99
N THR A 18 16.39 10.35 -7.98
CA THR A 18 17.32 11.40 -7.55
C THR A 18 17.76 11.19 -6.11
N ILE A 19 16.81 10.87 -5.22
CA ILE A 19 17.13 10.71 -3.81
C ILE A 19 17.98 9.46 -3.60
N GLY A 20 17.54 8.32 -4.13
CA GLY A 20 18.23 7.06 -3.91
C GLY A 20 19.61 6.99 -4.51
N ASN A 21 19.92 7.85 -5.47
CA ASN A 21 21.23 7.80 -6.12
C ASN A 21 22.16 8.95 -5.74
N TYR A 22 21.63 10.09 -5.28
CA TYR A 22 22.45 11.26 -5.03
C TYR A 22 22.25 11.90 -3.65
N ILE A 23 21.44 11.31 -2.78
CA ILE A 23 21.24 11.88 -1.44
C ILE A 23 21.34 10.78 -0.38
N LEU A 24 20.64 9.67 -0.63
CA LEU A 24 20.51 8.59 0.34
C LEU A 24 21.80 7.83 0.63
N PRO A 25 22.62 7.46 -0.37
CA PRO A 25 23.81 6.66 -0.07
C PRO A 25 24.69 7.22 1.03
N GLU A 26 24.97 8.53 1.02
CA GLU A 26 25.81 9.12 2.05
C GLU A 26 25.12 9.10 3.41
N ILE A 27 23.80 9.31 3.44
CA ILE A 27 23.06 9.29 4.70
C ILE A 27 23.18 7.92 5.36
N ILE A 28 23.02 6.87 4.57
CA ILE A 28 23.19 5.52 5.09
C ILE A 28 24.60 5.33 5.63
N ALA A 29 25.59 5.86 4.91
CA ALA A 29 26.98 5.79 5.38
C ALA A 29 27.12 6.41 6.75
N ARG A 30 26.59 7.63 6.93
CA ARG A 30 26.63 8.27 8.24
C ARG A 30 25.82 7.51 9.28
N TYR A 31 24.71 6.88 8.86
CA TYR A 31 23.88 6.12 9.79
C TYR A 31 24.58 4.82 10.20
N ARG A 32 24.99 4.01 9.23
CA ARG A 32 25.66 2.76 9.54
C ARG A 32 27.06 2.96 10.11
N ARG A 33 27.62 4.16 10.01
CA ARG A 33 28.86 4.47 10.72
C ARG A 33 28.61 4.54 12.22
N ASP A 34 27.59 5.31 12.63
CA ASP A 34 27.29 5.44 14.04
C ASP A 34 26.47 4.28 14.59
N PHE A 35 25.81 3.51 13.72
CA PHE A 35 25.05 2.33 14.13
C PHE A 35 25.32 1.16 13.20
N PRO A 36 26.49 0.52 13.33
CA PRO A 36 26.66 -0.79 12.70
C PRO A 36 25.71 -1.80 13.32
N ASP A 37 25.59 -2.95 12.65
CA ASP A 37 24.71 -4.04 13.07
C ASP A 37 23.24 -3.67 13.05
N LEU A 38 22.92 -2.41 12.73
CA LEU A 38 21.54 -2.00 12.56
C LEU A 38 21.16 -2.17 11.09
N PRO A 39 20.27 -3.09 10.74
CA PRO A 39 19.99 -3.35 9.33
C PRO A 39 19.30 -2.17 8.66
N LEU A 40 19.58 -2.02 7.37
CA LEU A 40 18.88 -1.05 6.52
C LEU A 40 18.83 -1.64 5.12
N GLU A 41 17.62 -1.83 4.60
CA GLU A 41 17.40 -2.27 3.23
C GLU A 41 16.85 -1.10 2.43
N MET A 42 17.61 -0.64 1.45
CA MET A 42 17.24 0.48 0.61
C MET A 42 16.86 -0.02 -0.77
N SER A 43 15.79 0.53 -1.33
CA SER A 43 15.36 0.24 -2.68
C SER A 43 15.15 1.54 -3.43
N VAL A 44 15.55 1.56 -4.70
CA VAL A 44 15.45 2.75 -5.53
C VAL A 44 14.56 2.41 -6.73
N GLY A 45 13.57 3.25 -6.96
CA GLY A 45 12.76 3.20 -8.17
C GLY A 45 12.42 4.61 -8.54
N ASN A 46 11.26 4.80 -9.17
CA ASN A 46 10.76 6.14 -9.41
C ASN A 46 9.70 6.49 -8.37
N SER A 47 9.18 7.72 -8.44
CA SER A 47 8.29 8.22 -7.40
C SER A 47 6.99 7.41 -7.32
N LEU A 48 6.47 6.97 -8.47
CA LEU A 48 5.28 6.14 -8.47
C LEU A 48 5.54 4.81 -7.76
N ASP A 49 6.70 4.20 -8.03
CA ASP A 49 7.02 2.92 -7.39
C ASP A 49 7.17 3.08 -5.88
N VAL A 50 7.74 4.21 -5.43
CA VAL A 50 7.88 4.44 -4.00
C VAL A 50 6.52 4.58 -3.35
N VAL A 51 5.61 5.34 -3.98
CA VAL A 51 4.28 5.55 -3.42
C VAL A 51 3.53 4.23 -3.30
N GLN A 52 3.56 3.42 -4.36
CA GLN A 52 2.84 2.15 -4.32
C GLN A 52 3.48 1.18 -3.33
N ALA A 53 4.80 1.24 -3.17
CA ALA A 53 5.47 0.36 -2.20
C ALA A 53 5.13 0.76 -0.77
N VAL A 54 4.90 2.05 -0.51
CA VAL A 54 4.48 2.47 0.83
C VAL A 54 3.05 2.02 1.11
N CYS A 55 2.19 2.07 0.09
CA CYS A 55 0.82 1.61 0.25
C CYS A 55 0.75 0.12 0.56
N ASP A 56 1.69 -0.66 0.04
CA ASP A 56 1.67 -2.12 0.17
C ASP A 56 2.28 -2.61 1.48
N PHE A 57 2.76 -1.70 2.34
CA PHE A 57 3.39 -2.04 3.62
C PHE A 57 4.69 -2.81 3.44
N ARG A 58 5.41 -2.55 2.34
CA ARG A 58 6.69 -3.20 2.12
C ARG A 58 7.87 -2.41 2.68
N VAL A 59 7.71 -1.09 2.83
CA VAL A 59 8.77 -0.22 3.32
C VAL A 59 8.26 0.55 4.52
N ASP A 60 9.20 0.97 5.38
CA ASP A 60 8.83 1.78 6.54
C ASP A 60 8.56 3.22 6.12
N ILE A 61 9.55 3.90 5.56
CA ILE A 61 9.39 5.26 5.06
C ILE A 61 9.77 5.30 3.59
N GLY A 62 9.20 6.25 2.88
CA GLY A 62 9.50 6.44 1.47
C GLY A 62 9.92 7.88 1.23
N LEU A 63 10.85 8.04 0.28
CA LEU A 63 11.35 9.36 -0.09
C LEU A 63 11.07 9.58 -1.57
N ILE A 64 10.23 10.58 -1.86
CA ILE A 64 9.74 10.85 -3.20
C ILE A 64 10.15 12.25 -3.62
N GLU A 65 10.23 12.46 -4.93
CA GLU A 65 10.52 13.76 -5.50
C GLU A 65 9.37 14.33 -6.31
N GLY A 66 8.22 13.65 -6.31
CA GLY A 66 7.00 14.21 -6.84
C GLY A 66 5.96 14.37 -5.75
N PRO A 67 4.84 14.99 -6.07
CA PRO A 67 3.77 15.15 -5.07
C PRO A 67 3.08 13.83 -4.79
N CYS A 68 2.24 13.84 -3.76
CA CYS A 68 1.49 12.64 -3.39
C CYS A 68 0.32 13.08 -2.52
N HIS A 69 -0.89 13.06 -3.09
CA HIS A 69 -2.09 13.47 -2.39
C HIS A 69 -3.01 12.25 -2.26
N MET A 70 -2.67 11.38 -1.33
CA MET A 70 -3.45 10.19 -1.01
C MET A 70 -3.89 10.27 0.44
N ALA A 71 -5.13 9.85 0.71
CA ALA A 71 -5.70 10.00 2.05
C ALA A 71 -4.96 9.15 3.07
N GLU A 72 -4.48 7.98 2.69
CA GLU A 72 -3.84 7.06 3.61
C GLU A 72 -2.34 7.31 3.75
N ILE A 73 -1.80 8.33 3.10
CA ILE A 73 -0.37 8.63 3.11
C ILE A 73 -0.15 9.95 3.85
N VAL A 74 0.80 9.96 4.77
CA VAL A 74 1.20 11.17 5.48
C VAL A 74 2.49 11.66 4.84
N ALA A 75 2.42 12.82 4.19
CA ALA A 75 3.57 13.39 3.50
C ALA A 75 4.04 14.63 4.26
N GLN A 76 5.34 14.69 4.52
CA GLN A 76 5.96 15.84 5.16
C GLN A 76 7.11 16.36 4.31
N PRO A 77 7.27 17.68 4.21
CA PRO A 77 8.41 18.21 3.47
C PRO A 77 9.72 17.80 4.13
N TRP A 78 10.69 17.42 3.28
CA TRP A 78 11.98 16.92 3.75
C TRP A 78 13.10 17.86 3.31
N LEU A 79 13.36 17.98 2.01
CA LEU A 79 14.42 18.85 1.50
C LEU A 79 13.86 19.68 0.35
N GLU A 80 14.64 20.67 -0.06
CA GLU A 80 14.36 21.45 -1.26
C GLU A 80 15.30 21.01 -2.37
N ASP A 81 14.84 21.20 -3.61
CA ASP A 81 15.57 20.74 -4.78
C ASP A 81 15.17 21.61 -5.97
N GLU A 82 16.16 22.01 -6.76
CA GLU A 82 15.92 22.87 -7.92
C GLU A 82 16.21 22.09 -9.20
N LEU A 83 15.21 22.00 -10.06
CA LEU A 83 15.41 21.51 -11.42
C LEU A 83 16.00 22.60 -12.28
N VAL A 84 16.82 22.19 -13.26
CA VAL A 84 17.46 23.15 -14.16
C VAL A 84 17.38 22.63 -15.59
N VAL A 85 17.04 23.52 -16.51
CA VAL A 85 17.20 23.22 -17.93
C VAL A 85 18.69 23.22 -18.25
N PHE A 86 19.14 22.20 -18.96
CA PHE A 86 20.54 22.11 -19.31
C PHE A 86 20.68 21.64 -20.76
N ALA A 87 21.86 21.89 -21.32
CA ALA A 87 22.18 21.52 -22.69
C ALA A 87 23.68 21.28 -22.78
N SER A 88 24.10 20.75 -23.92
CA SER A 88 25.53 20.62 -24.19
C SER A 88 26.14 22.00 -24.40
N PRO A 89 27.45 22.16 -24.11
CA PRO A 89 28.07 23.48 -24.30
C PRO A 89 28.08 23.95 -25.75
N ALA A 90 27.98 23.04 -26.71
CA ALA A 90 27.96 23.40 -28.12
C ALA A 90 26.54 23.60 -28.66
N SER A 91 25.56 23.78 -27.78
CA SER A 91 24.17 23.91 -28.22
C SER A 91 23.90 25.34 -28.68
N PRO A 92 23.14 25.50 -29.78
CA PRO A 92 22.83 26.86 -30.24
C PRO A 92 21.94 27.63 -29.27
N LEU A 93 21.28 26.95 -28.34
CA LEU A 93 20.43 27.63 -27.37
C LEU A 93 21.23 28.50 -26.42
N LEU A 94 22.53 28.26 -26.26
CA LEU A 94 23.32 29.02 -25.31
C LEU A 94 23.57 30.45 -25.79
N GLU A 95 23.68 30.65 -27.11
CA GLU A 95 23.98 31.96 -27.67
C GLU A 95 22.68 32.72 -27.94
N GLY A 96 22.51 33.84 -27.25
CA GLY A 96 21.38 34.71 -27.49
C GLY A 96 20.35 34.64 -26.37
N GLU A 97 19.36 35.51 -26.49
CA GLU A 97 18.30 35.59 -25.50
C GLU A 97 17.43 34.33 -25.55
N VAL A 98 17.24 33.71 -24.39
CA VAL A 98 16.42 32.50 -24.29
C VAL A 98 14.99 32.91 -23.96
N THR A 99 14.04 32.53 -24.82
CA THR A 99 12.62 32.82 -24.63
C THR A 99 11.85 31.51 -24.57
N LEU A 100 10.55 31.63 -24.29
CA LEU A 100 9.69 30.45 -24.24
C LEU A 100 9.59 29.78 -25.61
N GLU A 101 9.40 30.58 -26.66
CA GLU A 101 9.30 30.03 -28.01
C GLU A 101 10.60 29.36 -28.44
N ARG A 102 11.74 29.87 -27.98
CA ARG A 102 13.01 29.24 -28.33
C ARG A 102 13.15 27.89 -27.64
N LEU A 103 12.63 27.77 -26.42
CA LEU A 103 12.74 26.51 -25.69
C LEU A 103 11.77 25.46 -26.22
N ALA A 104 10.57 25.89 -26.64
CA ALA A 104 9.62 24.95 -27.22
C ALA A 104 10.16 24.34 -28.52
N ALA A 105 10.97 25.08 -29.26
CA ALA A 105 11.53 24.61 -30.52
C ALA A 105 12.65 23.61 -30.34
N MET A 106 13.13 23.40 -29.12
CA MET A 106 14.22 22.49 -28.86
C MET A 106 13.73 21.04 -28.83
N PRO A 107 14.63 20.07 -29.09
CA PRO A 107 14.28 18.65 -28.92
C PRO A 107 14.45 18.22 -27.47
N TRP A 108 13.33 17.99 -26.79
CA TRP A 108 13.31 17.74 -25.36
C TRP A 108 13.43 16.24 -25.07
N ILE A 109 14.36 15.89 -24.21
CA ILE A 109 14.50 14.52 -23.72
C ILE A 109 13.94 14.48 -22.30
N LEU A 110 12.87 13.74 -22.09
CA LEU A 110 12.11 13.79 -20.85
C LEU A 110 12.15 12.44 -20.14
N ARG A 111 11.92 12.47 -18.83
CA ARG A 111 11.74 11.26 -18.05
C ARG A 111 10.34 10.70 -18.26
N GLU A 112 10.20 9.39 -18.07
CA GLU A 112 8.94 8.72 -18.31
C GLU A 112 7.83 9.29 -17.42
N LYS A 113 6.61 9.31 -17.97
CA LYS A 113 5.46 9.69 -17.16
C LYS A 113 5.37 8.78 -15.94
N GLY A 114 4.95 9.34 -14.81
CA GLY A 114 4.96 8.63 -13.56
C GLY A 114 6.18 8.87 -12.71
N SER A 115 7.19 9.54 -13.24
CA SER A 115 8.31 10.01 -12.43
C SER A 115 7.99 11.39 -11.86
N GLY A 116 8.51 11.65 -10.67
CA GLY A 116 8.29 12.96 -10.05
C GLY A 116 8.92 14.09 -10.84
N THR A 117 10.10 13.86 -11.42
CA THR A 117 10.76 14.87 -12.23
C THR A 117 9.88 15.28 -13.41
N ARG A 118 9.34 14.29 -14.12
CA ARG A 118 8.49 14.61 -15.27
C ARG A 118 7.22 15.35 -14.84
N GLU A 119 6.60 14.90 -13.75
CA GLU A 119 5.35 15.53 -13.33
C GLU A 119 5.57 16.98 -12.93
N ILE A 120 6.66 17.26 -12.22
CA ILE A 120 6.89 18.62 -11.77
C ILE A 120 7.28 19.52 -12.93
N VAL A 121 8.16 19.03 -13.82
CA VAL A 121 8.56 19.83 -14.98
C VAL A 121 7.38 20.06 -15.91
N ASP A 122 6.44 19.12 -15.97
CA ASP A 122 5.20 19.35 -16.71
C ASP A 122 4.45 20.54 -16.14
N TYR A 123 4.53 20.73 -14.82
CA TYR A 123 3.79 21.80 -14.16
C TYR A 123 4.53 23.14 -14.24
N LEU A 124 5.85 23.14 -14.05
CA LEU A 124 6.59 24.39 -13.93
C LEU A 124 7.15 24.91 -15.24
N LEU A 125 7.48 24.02 -16.18
CA LEU A 125 8.24 24.42 -17.37
C LEU A 125 7.48 24.13 -18.65
N LEU A 126 7.34 22.87 -19.06
CA LEU A 126 6.75 22.54 -20.36
C LEU A 126 5.28 22.97 -20.47
N SER A 127 4.65 23.35 -19.37
CA SER A 127 3.31 23.93 -19.44
C SER A 127 3.29 25.24 -20.20
N HIS A 128 4.43 25.94 -20.28
CA HIS A 128 4.52 27.23 -20.93
C HIS A 128 5.31 27.19 -22.22
N LEU A 129 5.69 26.01 -22.69
CA LEU A 129 6.41 25.87 -23.95
C LEU A 129 5.44 25.36 -25.00
N PRO A 130 4.90 26.22 -25.86
CA PRO A 130 3.81 25.80 -26.76
C PRO A 130 4.27 24.75 -27.76
N GLN A 131 3.64 23.58 -27.68
CA GLN A 131 3.91 22.46 -28.60
C GLN A 131 5.40 22.12 -28.61
N PHE A 132 5.98 21.98 -27.42
CA PHE A 132 7.39 21.63 -27.34
C PHE A 132 7.62 20.26 -27.98
N ARG A 133 8.73 20.15 -28.72
CA ARG A 133 9.05 18.93 -29.45
C ARG A 133 9.61 17.90 -28.49
N LEU A 134 8.83 16.84 -28.26
CA LEU A 134 9.24 15.74 -27.39
C LEU A 134 10.00 14.74 -28.24
N SER A 135 11.33 14.80 -28.18
CA SER A 135 12.16 13.97 -29.04
C SER A 135 12.32 12.56 -28.48
N MET A 136 12.69 12.44 -27.21
CA MET A 136 12.92 11.14 -26.60
C MET A 136 12.34 11.10 -25.20
N GLU A 137 11.89 9.91 -24.80
CA GLU A 137 11.48 9.62 -23.43
C GLU A 137 12.36 8.49 -22.91
N LEU A 138 13.09 8.76 -21.83
CA LEU A 138 14.02 7.79 -21.25
C LEU A 138 13.65 7.52 -19.80
N GLY A 139 13.83 6.27 -19.38
CA GLY A 139 13.46 5.80 -18.06
C GLY A 139 14.48 6.02 -16.96
N ASN A 140 15.53 6.79 -17.21
CA ASN A 140 16.50 7.11 -16.17
C ASN A 140 17.26 8.36 -16.58
N SER A 141 17.78 9.06 -15.57
CA SER A 141 18.37 10.37 -15.80
C SER A 141 19.81 10.30 -16.27
N GLU A 142 20.49 9.18 -16.06
CA GLU A 142 21.85 9.04 -16.57
C GLU A 142 21.84 9.00 -18.09
N ALA A 143 20.95 8.20 -18.68
CA ALA A 143 20.81 8.19 -20.13
C ALA A 143 20.41 9.57 -20.65
N ILE A 144 19.57 10.28 -19.91
CA ILE A 144 19.20 11.63 -20.32
C ILE A 144 20.39 12.57 -20.21
N LYS A 145 21.14 12.49 -19.11
CA LYS A 145 22.31 13.33 -18.93
C LYS A 145 23.32 13.14 -20.05
N HIS A 146 23.67 11.88 -20.35
CA HIS A 146 24.70 11.63 -21.34
C HIS A 146 24.21 11.90 -22.76
N ALA A 147 22.91 11.71 -23.01
CA ALA A 147 22.37 12.05 -24.33
C ALA A 147 22.44 13.55 -24.59
N VAL A 148 22.09 14.36 -23.59
CA VAL A 148 22.11 15.81 -23.76
C VAL A 148 23.53 16.30 -23.96
N ARG A 149 24.48 15.75 -23.20
CA ARG A 149 25.86 16.21 -23.32
C ARG A 149 26.49 15.79 -24.65
N HIS A 150 25.89 14.82 -25.35
CA HIS A 150 26.27 14.49 -26.72
C HIS A 150 25.42 15.24 -27.74
N GLY A 151 24.80 16.34 -27.35
CA GLY A 151 24.10 17.20 -28.29
C GLY A 151 22.82 16.64 -28.85
N LEU A 152 22.25 15.61 -28.24
CA LEU A 152 21.02 14.99 -28.74
C LEU A 152 19.77 15.75 -28.35
N GLY A 153 19.88 16.84 -27.58
CA GLY A 153 18.73 17.64 -27.22
C GLY A 153 19.00 18.41 -25.94
N VAL A 154 17.89 18.81 -25.29
CA VAL A 154 17.94 19.47 -23.99
C VAL A 154 16.97 18.76 -23.05
N SER A 155 17.15 18.98 -21.76
CA SER A 155 16.33 18.31 -20.77
C SER A 155 16.23 19.17 -19.51
N CYS A 156 15.46 18.67 -18.54
CA CYS A 156 15.30 19.33 -17.25
C CYS A 156 15.44 18.29 -16.16
N LEU A 157 16.46 18.44 -15.32
CA LEU A 157 16.70 17.48 -14.24
C LEU A 157 17.16 18.21 -12.99
N SER A 158 17.05 17.54 -11.86
CA SER A 158 17.54 18.09 -10.60
C SER A 158 19.03 18.39 -10.71
N ARG A 159 19.44 19.50 -10.10
CA ARG A 159 20.84 19.91 -10.13
C ARG A 159 21.74 18.86 -9.50
N ARG A 160 21.21 18.05 -8.58
CA ARG A 160 22.00 16.99 -7.96
C ARG A 160 22.42 15.94 -8.96
N VAL A 161 21.61 15.71 -10.00
CA VAL A 161 21.93 14.66 -10.95
C VAL A 161 23.10 15.06 -11.85
N ILE A 162 23.13 16.33 -12.27
CA ILE A 162 24.10 16.80 -13.24
C ILE A 162 25.16 17.68 -12.60
N ALA A 163 25.31 17.58 -11.27
CA ALA A 163 26.22 18.47 -10.56
C ALA A 163 27.65 18.30 -11.03
N GLU A 164 28.14 17.05 -11.06
CA GLU A 164 29.52 16.78 -11.47
C GLU A 164 29.78 17.28 -12.88
N GLN A 165 28.81 17.13 -13.78
CA GLN A 165 28.97 17.59 -15.16
C GLN A 165 28.82 19.10 -15.29
N LEU A 166 28.14 19.75 -14.35
CA LEU A 166 28.06 21.21 -14.39
C LEU A 166 29.39 21.84 -14.00
N GLU A 167 30.08 21.27 -13.02
CA GLU A 167 31.38 21.78 -12.62
C GLU A 167 32.45 21.44 -13.65
N THR A 168 32.43 20.21 -14.16
CA THR A 168 33.39 19.81 -15.18
C THR A 168 33.25 20.67 -16.43
N GLY A 169 32.03 20.96 -16.84
CA GLY A 169 31.76 21.82 -17.99
C GLY A 169 31.06 21.13 -19.14
N SER A 170 30.97 19.81 -19.16
CA SER A 170 30.32 19.11 -20.27
C SER A 170 28.82 19.35 -20.33
N LEU A 171 28.25 20.08 -19.37
CA LEU A 171 26.84 20.42 -19.38
C LEU A 171 26.68 21.85 -18.87
N VAL A 172 25.86 22.64 -19.55
CA VAL A 172 25.71 24.06 -19.25
C VAL A 172 24.26 24.34 -18.87
N GLU A 173 24.06 25.01 -17.74
CA GLU A 173 22.73 25.41 -17.32
C GLU A 173 22.17 26.50 -18.24
N VAL A 174 20.90 26.39 -18.58
CA VAL A 174 20.23 27.33 -19.47
C VAL A 174 19.42 28.31 -18.64
N LYS A 175 19.57 29.59 -18.91
CA LYS A 175 18.78 30.61 -18.23
C LYS A 175 17.35 30.57 -18.74
N VAL A 176 16.42 30.16 -17.90
CA VAL A 176 15.02 30.01 -18.25
C VAL A 176 14.27 31.27 -17.79
N PRO A 177 13.46 31.89 -18.67
CA PRO A 177 12.69 33.09 -18.26
C PRO A 177 11.47 32.73 -17.40
N LEU A 178 11.74 32.07 -16.29
CA LEU A 178 10.74 31.60 -15.35
C LEU A 178 11.30 31.74 -13.94
N PRO A 179 10.43 31.79 -12.93
CA PRO A 179 10.93 31.67 -11.56
C PRO A 179 11.67 30.38 -11.38
N PRO A 180 12.65 30.33 -10.46
CA PRO A 180 13.48 29.12 -10.30
C PRO A 180 12.62 27.88 -10.07
N LEU A 181 12.99 26.79 -10.73
CA LEU A 181 12.19 25.57 -10.74
C LEU A 181 12.45 24.74 -9.47
N VAL A 182 12.16 25.36 -8.34
CA VAL A 182 12.36 24.72 -7.05
C VAL A 182 11.19 23.80 -6.76
N ARG A 183 11.49 22.62 -6.22
CA ARG A 183 10.48 21.65 -5.82
C ARG A 183 10.78 21.15 -4.42
N THR A 184 9.79 20.52 -3.79
CA THR A 184 9.93 19.94 -2.47
C THR A 184 10.01 18.42 -2.59
N LEU A 185 11.03 17.84 -1.96
CA LEU A 185 11.10 16.39 -1.80
C LEU A 185 10.41 16.01 -0.50
N TYR A 186 9.59 14.97 -0.56
CA TYR A 186 8.73 14.61 0.55
C TYR A 186 9.14 13.27 1.16
N ARG A 187 8.91 13.16 2.46
CA ARG A 187 8.99 11.90 3.19
C ARG A 187 7.57 11.42 3.45
N ILE A 188 7.32 10.15 3.18
CA ILE A 188 5.98 9.59 3.26
C ILE A 188 5.99 8.33 4.10
N HIS A 189 4.85 8.04 4.71
CA HIS A 189 4.61 6.79 5.43
C HIS A 189 3.12 6.60 5.52
N HIS A 190 2.71 5.37 5.78
CA HIS A 190 1.30 5.02 5.82
C HIS A 190 0.70 5.38 7.18
N ARG A 191 -0.47 6.02 7.15
CA ARG A 191 -1.14 6.43 8.38
C ARG A 191 -1.35 5.26 9.33
N GLN A 192 -1.81 4.13 8.80
CA GLN A 192 -2.06 2.94 9.61
C GLN A 192 -0.81 2.06 9.72
N LYS A 193 0.32 2.67 10.03
CA LYS A 193 1.57 1.94 10.20
C LYS A 193 2.55 2.71 11.08
N SER A 197 11.11 -0.78 14.35
CA SER A 197 10.64 0.54 13.94
C SER A 197 11.39 1.64 14.69
N ALA A 198 12.72 1.53 14.72
CA ALA A 198 13.58 2.56 15.26
C ALA A 198 13.85 3.63 14.19
N LEU A 199 12.76 4.22 13.71
CA LEU A 199 12.85 5.23 12.66
C LEU A 199 13.44 6.52 13.20
N ALA A 200 13.12 6.89 14.44
CA ALA A 200 13.61 8.14 15.02
C ALA A 200 15.13 8.20 14.99
N ARG A 201 15.81 7.06 15.17
CA ARG A 201 17.26 7.04 15.09
C ARG A 201 17.74 7.27 13.66
N PHE A 202 17.01 6.76 12.67
CA PHE A 202 17.41 6.94 11.29
C PHE A 202 17.04 8.32 10.75
N LEU A 203 15.87 8.83 11.13
CA LEU A 203 15.44 10.15 10.69
C LEU A 203 16.37 11.25 11.20
N ARG A 204 17.20 10.95 12.20
CA ARG A 204 18.20 11.91 12.66
C ARG A 204 19.18 12.28 11.55
N TYR A 205 19.60 11.30 10.76
CA TYR A 205 20.61 11.53 9.73
C TYR A 205 20.06 12.20 8.49
N CYS A 206 18.74 12.25 8.33
CA CYS A 206 18.12 12.95 7.22
C CYS A 206 17.88 14.43 7.51
N GLU A 207 18.38 14.93 8.64
CA GLU A 207 18.31 16.35 8.94
C GLU A 207 19.54 17.06 8.41
N LEU A 208 19.37 18.32 8.02
CA LEU A 208 20.48 19.16 7.62
C LEU A 208 21.15 19.75 8.87
N ALA B 10 12.78 4.44 -38.97
CA ALA B 10 11.91 3.57 -38.17
C ALA B 10 12.73 2.48 -37.49
N ILE B 11 13.59 2.88 -36.56
CA ILE B 11 14.46 1.97 -35.82
C ILE B 11 14.20 2.17 -34.33
N ARG B 12 13.88 1.08 -33.63
CA ARG B 12 13.67 1.10 -32.19
C ARG B 12 14.68 0.18 -31.53
N VAL B 13 15.36 0.68 -30.50
CA VAL B 13 16.43 -0.03 -29.81
C VAL B 13 16.13 -0.04 -28.32
N TYR B 14 16.21 -1.21 -27.71
CA TYR B 14 16.07 -1.37 -26.26
C TYR B 14 17.37 -1.92 -25.71
N ALA B 15 17.97 -1.20 -24.76
CA ALA B 15 19.29 -1.56 -24.24
C ALA B 15 19.24 -1.67 -22.73
N SER B 16 20.22 -2.38 -22.17
CA SER B 16 20.37 -2.51 -20.73
C SER B 16 21.06 -1.26 -20.15
N SER B 17 21.09 -1.19 -18.81
CA SER B 17 21.46 0.05 -18.13
C SER B 17 22.89 0.47 -18.46
N THR B 18 23.84 -0.46 -18.42
CA THR B 18 25.21 -0.13 -18.77
C THR B 18 25.30 0.36 -20.22
N ILE B 19 24.65 -0.35 -21.14
CA ILE B 19 24.75 -0.03 -22.56
C ILE B 19 24.00 1.26 -22.87
N GLY B 20 22.76 1.37 -22.37
CA GLY B 20 21.96 2.56 -22.63
C GLY B 20 22.56 3.83 -22.07
N ASN B 21 23.22 3.75 -20.91
CA ASN B 21 23.71 4.96 -20.25
C ASN B 21 25.11 5.36 -20.66
N TYR B 22 25.99 4.42 -20.97
CA TYR B 22 27.42 4.71 -21.18
C TYR B 22 27.95 4.35 -22.56
N ILE B 23 27.11 3.87 -23.48
CA ILE B 23 27.60 3.47 -24.80
C ILE B 23 26.73 4.07 -25.89
N LEU B 24 25.41 3.87 -25.78
CA LEU B 24 24.51 4.33 -26.84
C LEU B 24 24.52 5.83 -27.10
N PRO B 25 24.56 6.72 -26.08
CA PRO B 25 24.53 8.16 -26.38
C PRO B 25 25.58 8.60 -27.40
N GLU B 26 26.82 8.16 -27.24
CA GLU B 26 27.86 8.56 -28.17
C GLU B 26 27.60 8.01 -29.56
N ILE B 27 27.03 6.80 -29.64
CA ILE B 27 26.76 6.19 -30.94
C ILE B 27 25.62 6.92 -31.65
N ILE B 28 24.52 7.15 -30.94
CA ILE B 28 23.36 7.80 -31.54
C ILE B 28 23.70 9.21 -31.99
N ALA B 29 24.52 9.92 -31.21
CA ALA B 29 24.95 11.25 -31.61
C ALA B 29 25.68 11.21 -32.94
N ARG B 30 26.66 10.31 -33.07
CA ARG B 30 27.39 10.18 -34.33
C ARG B 30 26.48 9.70 -35.45
N TYR B 31 25.43 8.95 -35.12
CA TYR B 31 24.52 8.44 -36.15
C TYR B 31 23.59 9.53 -36.65
N ARG B 32 22.99 10.28 -35.73
CA ARG B 32 22.10 11.38 -36.12
C ARG B 32 22.84 12.51 -36.81
N ARG B 33 24.18 12.56 -36.67
CA ARG B 33 24.95 13.59 -37.35
C ARG B 33 25.00 13.33 -38.85
N ASP B 34 25.43 12.14 -39.25
CA ASP B 34 25.53 11.81 -40.68
C ASP B 34 24.18 11.44 -41.28
N PHE B 35 23.24 10.95 -40.46
CA PHE B 35 21.89 10.60 -40.91
C PHE B 35 20.87 11.31 -40.04
N PRO B 36 20.67 12.61 -40.24
CA PRO B 36 19.70 13.34 -39.40
C PRO B 36 18.26 13.00 -39.69
N ASP B 37 17.96 12.50 -40.89
CA ASP B 37 16.57 12.26 -41.27
C ASP B 37 15.97 11.09 -40.50
N LEU B 38 16.68 9.97 -40.45
CA LEU B 38 16.08 8.72 -40.01
C LEU B 38 15.67 8.79 -38.54
N PRO B 39 14.50 8.28 -38.19
CA PRO B 39 14.09 8.26 -36.79
C PRO B 39 14.86 7.20 -36.00
N LEU B 40 14.93 7.43 -34.69
CA LEU B 40 15.65 6.52 -33.81
C LEU B 40 15.04 6.63 -32.42
N GLU B 41 14.41 5.56 -31.96
CA GLU B 41 13.75 5.49 -30.67
C GLU B 41 14.54 4.58 -29.74
N MET B 42 15.08 5.13 -28.67
CA MET B 42 15.86 4.38 -27.70
C MET B 42 15.07 4.18 -26.41
N SER B 43 15.15 2.97 -25.87
CA SER B 43 14.57 2.63 -24.58
C SER B 43 15.63 1.93 -23.75
N VAL B 44 15.70 2.24 -22.46
CA VAL B 44 16.67 1.67 -21.54
C VAL B 44 15.94 1.03 -20.37
N GLY B 45 16.33 -0.18 -20.03
CA GLY B 45 15.84 -0.89 -18.87
C GLY B 45 16.94 -1.81 -18.39
N ASN B 46 16.56 -2.95 -17.82
CA ASN B 46 17.51 -3.99 -17.50
C ASN B 46 17.47 -5.08 -18.56
N SER B 47 18.30 -6.11 -18.38
CA SER B 47 18.41 -7.16 -19.39
C SER B 47 17.09 -7.90 -19.59
N LEU B 48 16.39 -8.19 -18.48
CA LEU B 48 15.09 -8.85 -18.60
C LEU B 48 14.07 -7.96 -19.30
N ASP B 49 14.11 -6.64 -19.04
CA ASP B 49 13.27 -5.71 -19.79
C ASP B 49 13.49 -5.87 -21.29
N VAL B 50 14.75 -5.86 -21.71
CA VAL B 50 15.08 -5.90 -23.14
C VAL B 50 14.65 -7.23 -23.74
N VAL B 51 15.03 -8.35 -23.09
CA VAL B 51 14.68 -9.66 -23.61
C VAL B 51 13.17 -9.79 -23.80
N GLN B 52 12.40 -9.39 -22.77
CA GLN B 52 10.96 -9.45 -22.86
C GLN B 52 10.41 -8.55 -23.96
N ALA B 53 11.04 -7.39 -24.19
CA ALA B 53 10.55 -6.48 -25.21
C ALA B 53 10.79 -7.02 -26.62
N VAL B 54 11.93 -7.68 -26.85
CA VAL B 54 12.20 -8.24 -28.16
C VAL B 54 11.27 -9.41 -28.45
N CYS B 55 10.98 -10.22 -27.42
CA CYS B 55 10.07 -11.34 -27.60
C CYS B 55 8.66 -10.85 -27.96
N ASP B 56 8.27 -9.68 -27.47
CA ASP B 56 6.92 -9.15 -27.70
C ASP B 56 6.84 -8.30 -28.96
N PHE B 57 7.87 -8.33 -29.81
CA PHE B 57 7.92 -7.56 -31.05
C PHE B 57 7.73 -6.05 -30.82
N ARG B 58 7.97 -5.57 -29.60
CA ARG B 58 7.83 -4.14 -29.33
C ARG B 58 9.00 -3.33 -29.83
N VAL B 59 10.16 -3.97 -30.04
CA VAL B 59 11.40 -3.29 -30.41
C VAL B 59 12.10 -4.14 -31.47
N ASP B 60 12.88 -3.48 -32.32
CA ASP B 60 13.55 -4.17 -33.41
C ASP B 60 14.75 -4.97 -32.93
N ILE B 61 15.68 -4.31 -32.24
CA ILE B 61 16.85 -4.98 -31.69
C ILE B 61 16.98 -4.65 -30.22
N GLY B 62 17.61 -5.57 -29.49
CA GLY B 62 17.94 -5.35 -28.10
C GLY B 62 19.43 -5.53 -27.88
N LEU B 63 19.96 -4.74 -26.95
CA LEU B 63 21.36 -4.82 -26.55
C LEU B 63 21.41 -5.10 -25.06
N ILE B 64 22.02 -6.22 -24.68
CA ILE B 64 22.01 -6.69 -23.30
C ILE B 64 23.43 -7.00 -22.83
N GLU B 65 23.59 -7.04 -21.51
CA GLU B 65 24.87 -7.32 -20.89
C GLU B 65 24.86 -8.65 -20.13
N GLY B 66 23.87 -9.50 -20.39
CA GLY B 66 23.86 -10.84 -19.86
C GLY B 66 23.44 -11.84 -20.91
N PRO B 67 23.66 -13.12 -20.65
CA PRO B 67 23.27 -14.14 -21.62
C PRO B 67 21.77 -14.19 -21.81
N CYS B 68 21.36 -14.70 -22.97
CA CYS B 68 19.96 -14.92 -23.27
C CYS B 68 19.84 -16.20 -24.08
N HIS B 69 19.12 -17.19 -23.54
CA HIS B 69 19.00 -18.50 -24.17
C HIS B 69 17.57 -18.83 -24.55
N MET B 70 16.73 -17.81 -24.75
CA MET B 70 15.36 -18.06 -25.16
C MET B 70 15.30 -18.68 -26.55
N ALA B 71 14.24 -19.44 -26.79
CA ALA B 71 14.17 -20.28 -27.99
C ALA B 71 14.25 -19.46 -29.27
N GLU B 72 13.28 -18.57 -29.48
CA GLU B 72 13.17 -17.82 -30.73
C GLU B 72 13.83 -16.45 -30.64
N ILE B 73 14.91 -16.33 -29.87
CA ILE B 73 15.71 -15.12 -29.79
C ILE B 73 17.09 -15.43 -30.35
N VAL B 74 17.51 -14.66 -31.34
CA VAL B 74 18.82 -14.84 -31.97
C VAL B 74 19.79 -13.89 -31.26
N ALA B 75 20.75 -14.45 -30.52
CA ALA B 75 21.75 -13.68 -29.79
C ALA B 75 23.09 -13.77 -30.50
N GLN B 76 23.76 -12.63 -30.65
CA GLN B 76 25.07 -12.57 -31.28
C GLN B 76 25.95 -11.63 -30.46
N PRO B 77 27.17 -12.05 -30.11
CA PRO B 77 28.07 -11.15 -29.39
C PRO B 77 28.33 -9.88 -30.18
N TRP B 78 28.47 -8.77 -29.45
CA TRP B 78 28.59 -7.46 -30.07
C TRP B 78 29.84 -6.75 -29.57
N LEU B 79 29.96 -6.61 -28.26
CA LEU B 79 31.12 -5.97 -27.65
C LEU B 79 31.58 -6.81 -26.47
N GLU B 80 32.81 -6.55 -26.02
CA GLU B 80 33.31 -7.12 -24.78
C GLU B 80 33.33 -6.05 -23.71
N ASP B 81 33.12 -6.48 -22.47
CA ASP B 81 32.99 -5.56 -21.34
C ASP B 81 33.67 -6.17 -20.13
N GLU B 82 34.52 -5.38 -19.48
CA GLU B 82 35.32 -5.86 -18.35
C GLU B 82 34.71 -5.37 -17.05
N LEU B 83 34.26 -6.30 -16.23
CA LEU B 83 33.77 -5.98 -14.90
C LEU B 83 34.94 -5.79 -13.94
N VAL B 84 34.68 -5.03 -12.87
CA VAL B 84 35.72 -4.62 -11.93
C VAL B 84 35.18 -4.75 -10.51
N VAL B 85 35.91 -5.46 -9.67
CA VAL B 85 35.65 -5.44 -8.23
C VAL B 85 36.32 -4.21 -7.64
N PHE B 86 35.54 -3.40 -6.92
CA PHE B 86 35.98 -2.08 -6.50
C PHE B 86 35.38 -1.76 -5.15
N ALA B 87 36.01 -0.79 -4.48
CA ALA B 87 35.57 -0.38 -3.15
C ALA B 87 36.11 1.02 -2.88
N SER B 88 35.85 1.52 -1.68
CA SER B 88 36.32 2.82 -1.25
C SER B 88 37.79 2.75 -0.85
N PRO B 89 38.49 3.89 -0.79
CA PRO B 89 39.91 3.88 -0.43
C PRO B 89 40.19 3.41 1.00
N ALA B 90 39.19 3.08 1.82
CA ALA B 90 39.40 2.71 3.21
C ALA B 90 39.06 1.25 3.49
N SER B 91 38.83 0.46 2.44
CA SER B 91 38.48 -0.95 2.53
C SER B 91 39.71 -1.79 2.90
N PRO B 92 39.53 -2.88 3.65
CA PRO B 92 40.66 -3.77 3.94
C PRO B 92 41.04 -4.68 2.78
N LEU B 93 40.20 -4.75 1.75
CA LEU B 93 40.47 -5.52 0.54
C LEU B 93 41.59 -4.92 -0.30
N LEU B 94 42.05 -3.71 0.02
CA LEU B 94 43.04 -3.04 -0.81
C LEU B 94 44.44 -3.57 -0.56
N GLU B 95 44.74 -4.04 0.66
CA GLU B 95 46.08 -4.46 1.01
C GLU B 95 46.13 -5.96 1.32
N GLY B 96 47.34 -6.52 1.20
CA GLY B 96 47.52 -7.94 1.34
C GLY B 96 47.12 -8.67 0.07
N GLU B 97 47.25 -9.99 0.11
CA GLU B 97 46.78 -10.84 -0.99
C GLU B 97 45.30 -11.07 -0.80
N VAL B 98 44.49 -10.54 -1.73
CA VAL B 98 43.05 -10.70 -1.66
C VAL B 98 42.68 -12.14 -1.95
N THR B 99 41.96 -12.77 -1.03
CA THR B 99 41.53 -14.15 -1.18
C THR B 99 40.00 -14.21 -1.22
N LEU B 100 39.49 -15.36 -1.65
CA LEU B 100 38.04 -15.52 -1.81
C LEU B 100 37.33 -15.47 -0.46
N GLU B 101 37.96 -16.02 0.59
CA GLU B 101 37.34 -15.96 1.91
C GLU B 101 37.31 -14.53 2.42
N ARG B 102 38.32 -13.73 2.10
CA ARG B 102 38.28 -12.31 2.45
C ARG B 102 37.21 -11.58 1.67
N LEU B 103 37.07 -11.89 0.38
CA LEU B 103 36.06 -11.24 -0.45
C LEU B 103 34.66 -11.59 0.02
N ALA B 104 34.42 -12.87 0.29
CA ALA B 104 33.10 -13.30 0.75
C ALA B 104 32.75 -12.68 2.09
N ALA B 105 33.75 -12.28 2.87
CA ALA B 105 33.53 -11.70 4.19
C ALA B 105 33.26 -10.20 4.15
N MET B 106 33.19 -9.62 2.99
CA MET B 106 32.88 -8.19 2.96
C MET B 106 31.43 -7.97 2.56
N PRO B 107 30.82 -6.86 2.99
CA PRO B 107 29.42 -6.58 2.59
C PRO B 107 29.32 -6.35 1.09
N TRP B 108 28.53 -7.19 0.42
CA TRP B 108 28.38 -7.14 -1.03
C TRP B 108 27.08 -6.41 -1.39
N ILE B 109 27.21 -5.36 -2.20
CA ILE B 109 26.07 -4.64 -2.74
C ILE B 109 25.90 -5.10 -4.18
N LEU B 110 24.81 -5.80 -4.47
CA LEU B 110 24.62 -6.39 -5.78
C LEU B 110 23.38 -5.84 -6.46
N ARG B 111 23.34 -6.03 -7.78
CA ARG B 111 22.19 -5.62 -8.57
C ARG B 111 21.01 -6.56 -8.35
N GLU B 112 19.84 -6.11 -8.78
CA GLU B 112 18.63 -6.91 -8.65
C GLU B 112 18.67 -8.08 -9.64
N LYS B 113 17.95 -9.15 -9.30
CA LYS B 113 17.83 -10.27 -10.21
C LYS B 113 17.03 -9.85 -11.44
N GLY B 114 17.42 -10.38 -12.59
CA GLY B 114 16.95 -9.88 -13.86
C GLY B 114 17.92 -8.95 -14.54
N SER B 115 18.94 -8.48 -13.82
CA SER B 115 20.02 -7.73 -14.43
C SER B 115 21.07 -8.70 -14.99
N GLY B 116 21.52 -8.41 -16.21
CA GLY B 116 22.62 -9.17 -16.76
C GLY B 116 23.86 -9.13 -15.89
N THR B 117 24.11 -7.99 -15.24
CA THR B 117 25.26 -7.87 -14.35
C THR B 117 25.11 -8.82 -13.15
N ARG B 118 23.91 -8.87 -12.56
CA ARG B 118 23.70 -9.79 -11.44
C ARG B 118 24.00 -11.23 -11.86
N GLU B 119 23.53 -11.64 -13.03
CA GLU B 119 23.67 -13.03 -13.46
C GLU B 119 25.13 -13.37 -13.78
N ILE B 120 25.86 -12.43 -14.37
CA ILE B 120 27.23 -12.73 -14.79
C ILE B 120 28.18 -12.74 -13.60
N VAL B 121 28.09 -11.75 -12.71
CA VAL B 121 28.96 -11.75 -11.53
C VAL B 121 28.66 -12.92 -10.61
N ASP B 122 27.39 -13.38 -10.59
CA ASP B 122 27.07 -14.58 -9.84
C ASP B 122 27.81 -15.79 -10.40
N TYR B 123 27.91 -15.88 -11.73
CA TYR B 123 28.53 -17.04 -12.36
C TYR B 123 30.05 -16.99 -12.29
N LEU B 124 30.63 -15.82 -12.52
CA LEU B 124 32.08 -15.70 -12.61
C LEU B 124 32.75 -15.36 -11.29
N LEU B 125 31.99 -14.84 -10.33
CA LEU B 125 32.59 -14.39 -9.07
C LEU B 125 31.84 -14.97 -7.88
N LEU B 126 30.60 -14.53 -7.68
CA LEU B 126 29.84 -14.91 -6.49
C LEU B 126 29.71 -16.42 -6.34
N SER B 127 29.78 -17.16 -7.45
CA SER B 127 29.80 -18.62 -7.35
C SER B 127 31.03 -19.10 -6.59
N HIS B 128 32.12 -18.35 -6.64
CA HIS B 128 33.37 -18.72 -6.00
C HIS B 128 33.55 -18.14 -4.61
N LEU B 129 32.74 -17.14 -4.22
CA LEU B 129 32.72 -16.70 -2.82
C LEU B 129 31.67 -17.49 -2.05
N PRO B 130 32.09 -18.49 -1.27
CA PRO B 130 31.12 -19.30 -0.54
C PRO B 130 30.61 -18.57 0.69
N GLN B 131 29.28 -18.55 0.85
CA GLN B 131 28.63 -17.89 1.99
C GLN B 131 29.05 -16.41 2.08
N PHE B 132 28.93 -15.71 0.95
CA PHE B 132 29.13 -14.27 0.96
C PHE B 132 27.92 -13.59 1.58
N ARG B 133 28.17 -12.48 2.27
CA ARG B 133 27.09 -11.73 2.90
C ARG B 133 26.53 -10.73 1.89
N LEU B 134 25.22 -10.81 1.65
CA LEU B 134 24.52 -9.88 0.76
C LEU B 134 24.06 -8.70 1.59
N SER B 135 24.86 -7.63 1.60
CA SER B 135 24.50 -6.45 2.36
C SER B 135 23.21 -5.82 1.83
N MET B 136 23.20 -5.46 0.55
CA MET B 136 22.05 -4.81 -0.06
C MET B 136 21.89 -5.27 -1.50
N GLU B 137 20.67 -5.09 -2.01
CA GLU B 137 20.34 -5.25 -3.42
C GLU B 137 19.77 -3.93 -3.91
N LEU B 138 20.32 -3.42 -5.01
CA LEU B 138 19.89 -2.13 -5.54
C LEU B 138 19.51 -2.28 -7.01
N GLY B 139 18.50 -1.53 -7.42
CA GLY B 139 17.95 -1.63 -8.76
C GLY B 139 18.75 -0.98 -9.86
N ASN B 140 19.73 -0.14 -9.51
CA ASN B 140 20.50 0.59 -10.50
C ASN B 140 21.95 0.70 -10.05
N SER B 141 22.85 0.77 -11.03
CA SER B 141 24.28 0.77 -10.75
C SER B 141 24.79 2.08 -10.19
N GLU B 142 24.05 3.18 -10.33
CA GLU B 142 24.51 4.45 -9.80
C GLU B 142 24.42 4.48 -8.28
N ALA B 143 23.29 4.01 -7.73
CA ALA B 143 23.17 3.90 -6.27
C ALA B 143 24.24 2.97 -5.71
N ILE B 144 24.55 1.89 -6.43
CA ILE B 144 25.65 1.02 -6.02
C ILE B 144 26.96 1.77 -6.02
N LYS B 145 27.24 2.49 -7.11
CA LYS B 145 28.52 3.20 -7.25
C LYS B 145 28.76 4.16 -6.10
N HIS B 146 27.74 4.92 -5.70
CA HIS B 146 27.93 5.89 -4.64
C HIS B 146 27.81 5.29 -3.25
N ALA B 147 27.12 4.15 -3.11
CA ALA B 147 27.09 3.45 -1.83
C ALA B 147 28.48 2.97 -1.44
N VAL B 148 29.19 2.33 -2.37
CA VAL B 148 30.54 1.89 -2.09
C VAL B 148 31.48 3.08 -2.01
N ARG B 149 31.21 4.16 -2.75
CA ARG B 149 32.06 5.34 -2.69
C ARG B 149 32.06 5.98 -1.30
N HIS B 150 30.93 5.88 -0.60
CA HIS B 150 30.84 6.40 0.76
C HIS B 150 31.22 5.37 1.82
N GLY B 151 31.53 4.14 1.40
CA GLY B 151 32.06 3.14 2.30
C GLY B 151 31.11 2.04 2.71
N LEU B 152 29.98 1.87 2.01
CA LEU B 152 28.96 0.91 2.43
C LEU B 152 29.35 -0.53 2.19
N GLY B 153 30.38 -0.78 1.39
CA GLY B 153 30.81 -2.16 1.15
C GLY B 153 31.61 -2.34 -0.12
N VAL B 154 31.31 -3.41 -0.85
CA VAL B 154 32.04 -3.79 -2.05
C VAL B 154 31.04 -4.24 -3.11
N SER B 155 31.43 -4.14 -4.38
CA SER B 155 30.57 -4.55 -5.46
C SER B 155 31.41 -4.83 -6.70
N CYS B 156 30.73 -5.21 -7.78
CA CYS B 156 31.38 -5.51 -9.06
C CYS B 156 30.52 -4.91 -10.16
N LEU B 157 31.06 -3.95 -10.88
CA LEU B 157 30.35 -3.27 -11.95
C LEU B 157 31.22 -3.22 -13.20
N SER B 158 30.60 -2.84 -14.31
CA SER B 158 31.35 -2.60 -15.54
C SER B 158 32.30 -1.43 -15.35
N ARG B 159 33.53 -1.58 -15.84
CA ARG B 159 34.51 -0.50 -15.76
C ARG B 159 33.99 0.77 -16.42
N ARG B 160 33.11 0.63 -17.43
CA ARG B 160 32.51 1.79 -18.07
C ARG B 160 31.70 2.62 -17.09
N VAL B 161 31.08 1.97 -16.09
CA VAL B 161 30.19 2.69 -15.18
C VAL B 161 31.00 3.51 -14.19
N ILE B 162 32.13 3.01 -13.74
CA ILE B 162 32.90 3.64 -12.67
C ILE B 162 34.23 4.20 -13.18
N ALA B 163 34.32 4.49 -14.47
CA ALA B 163 35.59 4.96 -15.03
C ALA B 163 35.98 6.31 -14.44
N GLU B 164 35.03 7.24 -14.36
CA GLU B 164 35.30 8.55 -13.78
C GLU B 164 35.84 8.44 -12.37
N GLN B 165 35.22 7.61 -11.54
CA GLN B 165 35.62 7.48 -10.14
C GLN B 165 36.91 6.70 -9.99
N LEU B 166 37.14 5.72 -10.88
CA LEU B 166 38.42 5.02 -10.89
C LEU B 166 39.57 5.98 -11.19
N GLU B 167 39.29 7.05 -11.94
CA GLU B 167 40.34 8.01 -12.29
C GLU B 167 40.68 8.90 -11.11
N THR B 168 39.69 9.62 -10.59
CA THR B 168 39.94 10.56 -9.50
C THR B 168 40.39 9.85 -8.22
N GLY B 169 40.07 8.57 -8.07
CA GLY B 169 40.47 7.82 -6.88
C GLY B 169 39.40 7.62 -5.83
N SER B 170 38.18 8.14 -6.05
CA SER B 170 37.09 7.88 -5.13
C SER B 170 36.73 6.40 -5.06
N LEU B 171 37.07 5.62 -6.08
CA LEU B 171 36.89 4.19 -6.10
C LEU B 171 38.19 3.54 -6.55
N VAL B 172 38.49 2.37 -5.99
CA VAL B 172 39.77 1.69 -6.21
C VAL B 172 39.50 0.27 -6.66
N GLU B 173 40.23 -0.17 -7.68
CA GLU B 173 40.09 -1.53 -8.19
C GLU B 173 40.70 -2.53 -7.22
N VAL B 174 40.02 -3.65 -7.04
CA VAL B 174 40.47 -4.73 -6.17
C VAL B 174 40.86 -5.92 -7.04
N LYS B 175 42.06 -6.44 -6.83
CA LYS B 175 42.54 -7.59 -7.58
C LYS B 175 41.91 -8.87 -7.04
N VAL B 176 41.29 -9.63 -7.92
CA VAL B 176 40.56 -10.85 -7.57
C VAL B 176 41.43 -12.06 -7.97
N PRO B 177 41.62 -13.04 -7.09
CA PRO B 177 42.38 -14.24 -7.47
C PRO B 177 41.60 -15.13 -8.43
N LEU B 178 41.24 -14.56 -9.58
CA LEU B 178 40.44 -15.24 -10.59
C LEU B 178 40.83 -14.68 -11.94
N PRO B 179 40.51 -15.38 -13.03
CA PRO B 179 40.77 -14.82 -14.36
C PRO B 179 40.03 -13.49 -14.53
N PRO B 180 40.53 -12.61 -15.39
CA PRO B 180 39.89 -11.30 -15.56
C PRO B 180 38.42 -11.45 -15.95
N LEU B 181 37.56 -10.77 -15.22
CA LEU B 181 36.10 -10.93 -15.34
C LEU B 181 35.61 -10.19 -16.58
N VAL B 182 35.71 -10.85 -17.73
CA VAL B 182 35.28 -10.29 -19.00
C VAL B 182 33.94 -10.89 -19.37
N ARG B 183 33.00 -10.04 -19.78
CA ARG B 183 31.67 -10.46 -20.20
C ARG B 183 31.44 -10.01 -21.64
N THR B 184 30.43 -10.60 -22.27
CA THR B 184 30.08 -10.30 -23.65
C THR B 184 28.74 -9.57 -23.68
N LEU B 185 28.72 -8.39 -24.30
CA LEU B 185 27.48 -7.68 -24.56
C LEU B 185 26.84 -8.24 -25.81
N TYR B 186 25.61 -8.74 -25.69
CA TYR B 186 24.96 -9.44 -26.79
C TYR B 186 23.96 -8.55 -27.51
N ARG B 187 23.83 -8.78 -28.81
CA ARG B 187 22.79 -8.16 -29.62
C ARG B 187 21.77 -9.23 -29.97
N ILE B 188 20.49 -8.97 -29.64
CA ILE B 188 19.46 -9.97 -29.82
C ILE B 188 18.36 -9.42 -30.73
N HIS B 189 17.72 -10.33 -31.46
CA HIS B 189 16.50 -10.03 -32.19
C HIS B 189 15.68 -11.30 -32.30
N HIS B 190 14.43 -11.14 -32.74
CA HIS B 190 13.51 -12.27 -32.83
C HIS B 190 13.84 -13.12 -34.04
N ARG B 191 13.80 -14.45 -33.86
CA ARG B 191 14.10 -15.36 -34.96
C ARG B 191 13.13 -15.16 -36.12
N GLN B 192 11.93 -14.66 -35.85
CA GLN B 192 10.95 -14.44 -36.91
C GLN B 192 11.17 -13.12 -37.62
N LYS B 193 11.70 -12.12 -36.93
CA LYS B 193 11.95 -10.80 -37.50
C LYS B 193 13.45 -10.62 -37.66
N HIS B 194 13.95 -10.87 -38.86
CA HIS B 194 15.35 -10.60 -39.14
C HIS B 194 15.52 -9.15 -39.56
N LEU B 195 16.65 -8.57 -39.16
CA LEU B 195 16.79 -7.12 -39.14
C LEU B 195 16.81 -6.52 -40.54
N SER B 196 16.29 -5.30 -40.63
CA SER B 196 16.13 -4.59 -41.89
C SER B 196 17.44 -3.95 -42.34
N SER B 197 17.41 -3.33 -43.52
CA SER B 197 18.63 -2.75 -44.09
C SER B 197 18.98 -1.43 -43.43
N ALA B 198 17.98 -0.62 -43.09
CA ALA B 198 18.26 0.62 -42.36
C ALA B 198 18.80 0.31 -40.97
N LEU B 199 18.31 -0.75 -40.34
CA LEU B 199 18.85 -1.22 -39.07
C LEU B 199 20.32 -1.61 -39.21
N ALA B 200 20.70 -2.17 -40.35
CA ALA B 200 22.08 -2.61 -40.56
C ALA B 200 23.03 -1.43 -40.60
N ARG B 201 22.63 -0.33 -41.24
CA ARG B 201 23.47 0.86 -41.28
C ARG B 201 23.74 1.39 -39.88
N PHE B 202 22.72 1.36 -39.01
CA PHE B 202 22.92 1.77 -37.63
C PHE B 202 23.90 0.86 -36.92
N LEU B 203 23.92 -0.43 -37.27
CA LEU B 203 24.83 -1.36 -36.61
C LEU B 203 26.28 -1.09 -36.97
N ARG B 204 26.54 -0.60 -38.19
CA ARG B 204 27.90 -0.22 -38.55
C ARG B 204 28.44 0.84 -37.60
N TYR B 205 27.56 1.74 -37.13
CA TYR B 205 27.98 2.77 -36.20
C TYR B 205 28.20 2.25 -34.79
N CYS B 206 27.63 1.10 -34.44
CA CYS B 206 27.85 0.51 -33.13
C CYS B 206 29.14 -0.29 -33.03
N GLU B 207 29.89 -0.41 -34.12
CA GLU B 207 31.06 -1.27 -34.16
C GLU B 207 32.34 -0.48 -33.95
N LEU B 208 33.39 -1.19 -33.56
CA LEU B 208 34.71 -0.61 -33.38
C LEU B 208 35.45 -0.51 -34.71
N ALA C 10 -25.62 17.40 2.52
CA ALA C 10 -25.78 18.62 3.31
C ALA C 10 -25.88 18.31 4.80
N ILE C 11 -26.03 17.03 5.14
CA ILE C 11 -26.18 16.59 6.52
C ILE C 11 -25.30 15.37 6.73
N ARG C 12 -24.37 15.46 7.68
CA ARG C 12 -23.41 14.40 7.96
C ARG C 12 -23.60 13.94 9.41
N VAL C 13 -24.00 12.69 9.59
CA VAL C 13 -24.34 12.14 10.90
C VAL C 13 -23.38 11.00 11.22
N TYR C 14 -22.71 11.10 12.36
CA TYR C 14 -21.89 10.02 12.90
C TYR C 14 -22.57 9.45 14.14
N ALA C 15 -22.64 8.13 14.23
CA ALA C 15 -23.32 7.48 15.35
C ALA C 15 -22.53 6.27 15.81
N SER C 16 -22.74 5.90 17.07
CA SER C 16 -22.15 4.70 17.60
C SER C 16 -22.93 3.47 17.13
N SER C 17 -22.37 2.29 17.40
CA SER C 17 -22.81 1.07 16.72
C SER C 17 -24.24 0.71 17.07
N THR C 18 -24.61 0.77 18.35
CA THR C 18 -25.98 0.44 18.73
C THR C 18 -26.97 1.41 18.10
N ILE C 19 -26.66 2.71 18.17
CA ILE C 19 -27.51 3.72 17.55
C ILE C 19 -27.45 3.61 16.03
N GLY C 20 -26.26 3.35 15.49
CA GLY C 20 -26.11 3.30 14.05
C GLY C 20 -26.79 2.12 13.38
N ASN C 21 -27.01 1.03 14.12
CA ASN C 21 -27.53 -0.19 13.50
C ASN C 21 -28.97 -0.50 13.87
N TYR C 22 -29.47 -0.02 15.01
CA TYR C 22 -30.80 -0.41 15.46
C TYR C 22 -31.73 0.77 15.76
N ILE C 23 -31.33 2.00 15.46
CA ILE C 23 -32.18 3.16 15.74
C ILE C 23 -32.28 4.08 14.51
N LEU C 24 -31.13 4.46 13.95
CA LEU C 24 -31.11 5.42 12.86
C LEU C 24 -31.65 4.91 11.52
N PRO C 25 -31.42 3.65 11.13
CA PRO C 25 -31.94 3.21 9.82
C PRO C 25 -33.40 3.54 9.58
N GLU C 26 -34.28 3.29 10.55
CA GLU C 26 -35.68 3.65 10.39
C GLU C 26 -35.88 5.16 10.35
N ILE C 27 -35.18 5.89 11.23
CA ILE C 27 -35.30 7.34 11.26
C ILE C 27 -34.90 7.93 9.92
N ILE C 28 -33.77 7.48 9.38
CA ILE C 28 -33.29 7.97 8.09
C ILE C 28 -34.33 7.70 7.00
N ALA C 29 -34.91 6.49 7.01
CA ALA C 29 -35.88 6.13 5.98
C ALA C 29 -37.08 7.07 5.98
N ARG C 30 -37.59 7.42 7.16
CA ARG C 30 -38.72 8.34 7.21
C ARG C 30 -38.31 9.75 6.79
N TYR C 31 -37.10 10.18 7.17
CA TYR C 31 -36.65 11.50 6.79
C TYR C 31 -36.49 11.62 5.28
N ARG C 32 -35.88 10.62 4.65
CA ARG C 32 -35.68 10.67 3.21
C ARG C 32 -36.97 10.47 2.44
N ARG C 33 -37.98 9.85 3.05
CA ARG C 33 -39.27 9.71 2.38
C ARG C 33 -39.91 11.06 2.14
N ASP C 34 -39.77 11.99 3.09
CA ASP C 34 -40.32 13.33 2.96
C ASP C 34 -39.32 14.34 2.42
N PHE C 35 -38.04 14.00 2.38
CA PHE C 35 -36.98 14.93 1.97
C PHE C 35 -35.99 14.19 1.08
N PRO C 36 -36.40 13.86 -0.16
CA PRO C 36 -35.57 12.94 -0.97
C PRO C 36 -34.27 13.56 -1.48
N ASP C 37 -34.27 14.83 -1.88
CA ASP C 37 -33.06 15.42 -2.43
C ASP C 37 -32.00 15.66 -1.35
N LEU C 38 -32.42 15.84 -0.11
CA LEU C 38 -31.50 16.24 0.95
C LEU C 38 -30.52 15.11 1.25
N PRO C 39 -29.21 15.32 1.03
CA PRO C 39 -28.26 14.24 1.27
C PRO C 39 -28.14 13.93 2.75
N LEU C 40 -27.77 12.67 3.02
CA LEU C 40 -27.56 12.20 4.38
C LEU C 40 -26.38 11.24 4.36
N GLU C 41 -25.23 11.69 4.88
CA GLU C 41 -24.06 10.83 5.01
C GLU C 41 -24.01 10.32 6.45
N MET C 42 -24.18 9.02 6.61
CA MET C 42 -24.21 8.38 7.92
C MET C 42 -22.98 7.49 8.06
N SER C 43 -22.12 7.82 9.01
CA SER C 43 -20.98 7.00 9.37
C SER C 43 -21.22 6.37 10.73
N VAL C 44 -20.71 5.16 10.93
CA VAL C 44 -20.89 4.41 12.16
C VAL C 44 -19.53 3.95 12.67
N GLY C 45 -19.33 4.07 13.97
CA GLY C 45 -18.17 3.54 14.64
C GLY C 45 -18.48 3.36 16.10
N ASN C 46 -17.43 3.37 16.92
CA ASN C 46 -17.69 3.39 18.35
C ASN C 46 -17.89 4.83 18.80
N SER C 47 -18.11 5.03 20.09
CA SER C 47 -18.41 6.37 20.57
C SER C 47 -17.21 7.29 20.47
N LEU C 48 -16.00 6.77 20.67
CA LEU C 48 -14.81 7.58 20.47
C LEU C 48 -14.71 8.06 19.04
N ASP C 49 -14.98 7.18 18.08
CA ASP C 49 -15.00 7.59 16.67
C ASP C 49 -15.95 8.75 16.44
N VAL C 50 -17.09 8.75 17.13
CA VAL C 50 -18.06 9.83 16.96
C VAL C 50 -17.56 11.11 17.61
N VAL C 51 -17.03 11.01 18.83
CA VAL C 51 -16.57 12.20 19.56
C VAL C 51 -15.48 12.91 18.77
N GLN C 52 -14.42 12.17 18.41
CA GLN C 52 -13.29 12.79 17.73
C GLN C 52 -13.67 13.30 16.35
N ALA C 53 -14.66 12.69 15.70
CA ALA C 53 -15.09 13.17 14.39
C ALA C 53 -15.87 14.48 14.50
N VAL C 54 -16.49 14.74 15.65
CA VAL C 54 -17.20 16.00 15.83
C VAL C 54 -16.22 17.15 16.02
N CYS C 55 -15.11 16.90 16.74
CA CYS C 55 -14.12 17.94 16.95
C CYS C 55 -13.35 18.28 15.68
N ASP C 56 -13.12 17.30 14.82
CA ASP C 56 -12.47 17.54 13.55
C ASP C 56 -13.41 18.18 12.53
N PHE C 57 -14.67 18.41 12.91
CA PHE C 57 -15.68 19.04 12.04
C PHE C 57 -15.92 18.23 10.77
N ARG C 58 -15.84 16.89 10.90
CA ARG C 58 -16.17 16.01 9.79
C ARG C 58 -17.64 15.67 9.72
N VAL C 59 -18.39 15.91 10.80
CA VAL C 59 -19.81 15.59 10.85
C VAL C 59 -20.56 16.77 11.48
N ASP C 60 -21.84 16.89 11.11
CA ASP C 60 -22.68 17.95 11.65
C ASP C 60 -23.16 17.65 13.06
N ILE C 61 -23.64 16.42 13.28
CA ILE C 61 -24.06 15.95 14.59
C ILE C 61 -23.43 14.60 14.87
N GLY C 62 -23.34 14.27 16.14
CA GLY C 62 -22.93 12.94 16.56
C GLY C 62 -23.91 12.37 17.57
N LEU C 63 -24.13 11.06 17.47
CA LEU C 63 -25.06 10.35 18.34
C LEU C 63 -24.31 9.24 19.07
N ILE C 64 -24.04 9.44 20.34
CA ILE C 64 -23.19 8.54 21.11
C ILE C 64 -24.01 7.86 22.19
N GLU C 65 -23.44 6.77 22.73
CA GLU C 65 -24.07 5.96 23.76
C GLU C 65 -23.23 5.88 25.02
N GLY C 66 -22.26 6.78 25.16
CA GLY C 66 -21.50 6.94 26.37
C GLY C 66 -21.27 8.40 26.69
N PRO C 67 -20.65 8.70 27.83
CA PRO C 67 -20.40 10.09 28.20
C PRO C 67 -19.40 10.75 27.26
N CYS C 68 -19.42 12.08 27.28
CA CYS C 68 -18.46 12.86 26.51
C CYS C 68 -17.65 13.81 27.40
N HIS C 69 -18.31 14.78 28.04
CA HIS C 69 -17.70 15.67 29.03
C HIS C 69 -16.59 16.55 28.46
N MET C 70 -16.23 16.35 27.19
CA MET C 70 -15.17 17.15 26.57
C MET C 70 -15.67 18.58 26.41
N ALA C 71 -15.03 19.50 27.14
CA ALA C 71 -15.51 20.87 27.36
C ALA C 71 -16.06 21.54 26.10
N GLU C 72 -15.39 21.36 24.97
CA GLU C 72 -15.77 22.04 23.73
C GLU C 72 -16.92 21.35 23.02
N ILE C 73 -17.59 20.39 23.65
CA ILE C 73 -18.65 19.63 23.03
C ILE C 73 -19.92 19.77 23.86
N VAL C 74 -21.03 20.07 23.18
CA VAL C 74 -22.33 20.19 23.82
C VAL C 74 -23.06 18.87 23.67
N ALA C 75 -23.46 18.29 24.80
CA ALA C 75 -24.17 17.01 24.82
C ALA C 75 -25.59 17.23 25.33
N GLN C 76 -26.57 16.76 24.57
CA GLN C 76 -27.96 16.80 24.98
C GLN C 76 -28.50 15.39 25.14
N PRO C 77 -29.22 15.10 26.23
CA PRO C 77 -29.88 13.80 26.36
C PRO C 77 -30.94 13.63 25.28
N TRP C 78 -30.83 12.56 24.50
CA TRP C 78 -31.68 12.30 23.35
C TRP C 78 -32.60 11.10 23.56
N LEU C 79 -32.07 9.99 24.06
CA LEU C 79 -32.87 8.80 24.31
C LEU C 79 -32.35 8.09 25.55
N GLU C 80 -33.16 7.19 26.08
CA GLU C 80 -32.74 6.30 27.15
C GLU C 80 -32.59 4.88 26.60
N ASP C 81 -31.71 4.12 27.23
CA ASP C 81 -31.40 2.78 26.76
C ASP C 81 -31.00 1.92 27.95
N GLU C 82 -31.46 0.68 27.95
CA GLU C 82 -31.21 -0.24 29.04
C GLU C 82 -30.25 -1.34 28.59
N LEU C 83 -29.13 -1.45 29.28
CA LEU C 83 -28.25 -2.60 29.11
C LEU C 83 -28.80 -3.77 29.89
N VAL C 84 -28.53 -4.97 29.41
CA VAL C 84 -28.97 -6.20 30.08
C VAL C 84 -27.83 -7.20 30.07
N VAL C 85 -27.65 -7.89 31.18
CA VAL C 85 -26.75 -9.05 31.22
C VAL C 85 -27.51 -10.23 30.62
N PHE C 86 -26.93 -10.85 29.60
CA PHE C 86 -27.58 -11.93 28.90
C PHE C 86 -26.63 -13.11 28.76
N ALA C 87 -27.24 -14.29 28.61
CA ALA C 87 -26.52 -15.55 28.51
C ALA C 87 -27.26 -16.45 27.53
N SER C 88 -26.61 -17.55 27.15
CA SER C 88 -27.30 -18.56 26.37
C SER C 88 -28.31 -19.30 27.26
N PRO C 89 -29.39 -19.82 26.69
CA PRO C 89 -30.42 -20.46 27.51
C PRO C 89 -29.94 -21.69 28.25
N ALA C 90 -28.88 -22.36 27.78
CA ALA C 90 -28.36 -23.52 28.48
C ALA C 90 -27.43 -23.16 29.64
N SER C 91 -27.12 -21.89 29.81
CA SER C 91 -26.17 -21.48 30.85
C SER C 91 -26.75 -21.76 32.23
N PRO C 92 -26.00 -22.41 33.13
CA PRO C 92 -26.51 -22.63 34.49
C PRO C 92 -26.65 -21.36 35.31
N LEU C 93 -26.14 -20.22 34.82
CA LEU C 93 -26.33 -18.95 35.52
C LEU C 93 -27.82 -18.60 35.62
N LEU C 94 -28.62 -19.08 34.69
CA LEU C 94 -30.07 -18.84 34.65
C LEU C 94 -30.82 -19.62 35.70
N GLU C 95 -30.15 -20.32 36.61
CA GLU C 95 -30.81 -21.15 37.60
C GLU C 95 -30.37 -20.75 38.99
N GLY C 96 -31.32 -20.69 39.92
CA GLY C 96 -31.02 -20.32 41.29
C GLY C 96 -30.75 -18.83 41.44
N GLU C 97 -30.57 -18.43 42.69
CA GLU C 97 -30.35 -17.03 43.00
C GLU C 97 -29.05 -16.54 42.36
N VAL C 98 -29.10 -15.34 41.78
CA VAL C 98 -27.96 -14.74 41.11
C VAL C 98 -27.36 -13.70 42.03
N THR C 99 -26.13 -13.92 42.47
CA THR C 99 -25.40 -12.97 43.28
C THR C 99 -24.30 -12.31 42.44
N LEU C 100 -23.84 -11.15 42.90
CA LEU C 100 -22.70 -10.50 42.25
C LEU C 100 -21.51 -11.45 42.20
N GLU C 101 -21.34 -12.27 43.23
CA GLU C 101 -20.28 -13.25 43.25
C GLU C 101 -20.46 -14.31 42.17
N ARG C 102 -21.72 -14.73 41.93
CA ARG C 102 -21.97 -15.70 40.87
C ARG C 102 -21.72 -15.10 39.50
N LEU C 103 -21.90 -13.79 39.35
CA LEU C 103 -21.66 -13.14 38.06
C LEU C 103 -20.18 -12.89 37.83
N ALA C 104 -19.43 -12.55 38.90
CA ALA C 104 -18.00 -12.38 38.76
C ALA C 104 -17.32 -13.68 38.35
N ALA C 105 -17.88 -14.83 38.75
CA ALA C 105 -17.33 -16.13 38.40
C ALA C 105 -17.64 -16.56 36.98
N MET C 106 -18.45 -15.80 36.26
CA MET C 106 -18.73 -16.11 34.86
C MET C 106 -17.63 -15.57 33.95
N PRO C 107 -17.43 -16.19 32.78
CA PRO C 107 -16.49 -15.64 31.79
C PRO C 107 -17.17 -14.57 30.94
N TRP C 108 -16.73 -13.33 31.10
CA TRP C 108 -17.37 -12.20 30.45
C TRP C 108 -16.76 -11.92 29.09
N ILE C 109 -17.61 -11.48 28.16
CA ILE C 109 -17.20 -11.06 26.83
C ILE C 109 -17.63 -9.61 26.67
N LEU C 110 -16.69 -8.68 26.84
CA LEU C 110 -17.01 -7.26 26.84
C LEU C 110 -16.52 -6.59 25.56
N ARG C 111 -17.12 -5.44 25.28
CA ARG C 111 -16.71 -4.62 24.14
C ARG C 111 -15.37 -3.93 24.44
N GLU C 112 -14.72 -3.46 23.38
CA GLU C 112 -13.41 -2.84 23.54
C GLU C 112 -13.52 -1.55 24.34
N LYS C 113 -12.42 -1.21 25.01
CA LYS C 113 -12.34 0.08 25.68
C LYS C 113 -12.47 1.21 24.67
N GLY C 114 -13.10 2.30 25.10
CA GLY C 114 -13.43 3.40 24.22
C GLY C 114 -14.82 3.33 23.63
N SER C 115 -15.46 2.17 23.66
CA SER C 115 -16.85 2.06 23.28
C SER C 115 -17.73 2.56 24.42
N GLY C 116 -18.85 3.17 24.05
CA GLY C 116 -19.78 3.67 25.06
C GLY C 116 -20.38 2.56 25.89
N THR C 117 -20.56 1.38 25.29
CA THR C 117 -21.14 0.27 26.02
C THR C 117 -20.20 -0.23 27.11
N ARG C 118 -18.89 -0.30 26.83
CA ARG C 118 -17.96 -0.79 27.82
C ARG C 118 -17.83 0.17 28.99
N GLU C 119 -17.79 1.48 28.70
CA GLU C 119 -17.63 2.47 29.76
C GLU C 119 -18.77 2.40 30.77
N ILE C 120 -19.99 2.13 30.29
CA ILE C 120 -21.14 2.11 31.19
C ILE C 120 -21.20 0.80 31.97
N VAL C 121 -20.97 -0.34 31.30
CA VAL C 121 -21.04 -1.61 32.00
C VAL C 121 -19.97 -1.67 33.09
N ASP C 122 -18.81 -1.08 32.83
CA ASP C 122 -17.78 -0.94 33.86
C ASP C 122 -18.28 -0.11 35.02
N TYR C 123 -19.08 0.92 34.73
CA TYR C 123 -19.55 1.84 35.75
C TYR C 123 -20.71 1.25 36.55
N LEU C 124 -21.73 0.73 35.87
CA LEU C 124 -22.93 0.25 36.53
C LEU C 124 -22.86 -1.19 37.00
N LEU C 125 -22.01 -2.02 36.40
CA LEU C 125 -22.05 -3.45 36.65
C LEU C 125 -20.70 -4.05 37.04
N LEU C 126 -19.72 -3.98 36.14
CA LEU C 126 -18.49 -4.75 36.35
C LEU C 126 -17.63 -4.18 37.47
N SER C 127 -17.89 -2.95 37.91
CA SER C 127 -17.18 -2.42 39.08
C SER C 127 -17.57 -3.16 40.35
N HIS C 128 -18.79 -3.68 40.41
CA HIS C 128 -19.27 -4.41 41.58
C HIS C 128 -19.02 -5.91 41.49
N LEU C 129 -18.34 -6.38 40.44
CA LEU C 129 -18.03 -7.79 40.31
C LEU C 129 -16.58 -8.03 40.71
N PRO C 130 -16.31 -8.62 41.87
CA PRO C 130 -14.93 -8.76 42.35
C PRO C 130 -14.13 -9.73 41.48
N GLN C 131 -13.09 -9.20 40.84
CA GLN C 131 -12.16 -9.98 40.03
C GLN C 131 -12.90 -10.82 38.98
N PHE C 132 -13.82 -10.17 38.28
CA PHE C 132 -14.62 -10.89 37.28
C PHE C 132 -13.70 -11.43 36.18
N ARG C 133 -14.03 -12.63 35.72
CA ARG C 133 -13.20 -13.32 34.74
C ARG C 133 -13.48 -12.74 33.36
N LEU C 134 -12.51 -12.03 32.80
CA LEU C 134 -12.64 -11.41 31.48
C LEU C 134 -12.13 -12.40 30.44
N SER C 135 -13.06 -13.08 29.76
CA SER C 135 -12.68 -14.13 28.83
C SER C 135 -12.20 -13.55 27.50
N MET C 136 -12.94 -12.59 26.94
CA MET C 136 -12.62 -12.08 25.61
C MET C 136 -13.05 -10.64 25.50
N GLU C 137 -12.45 -9.96 24.52
CA GLU C 137 -12.84 -8.60 24.13
C GLU C 137 -13.03 -8.59 22.62
N LEU C 138 -14.19 -8.10 22.18
CA LEU C 138 -14.54 -8.10 20.76
C LEU C 138 -14.94 -6.69 20.32
N GLY C 139 -14.56 -6.33 19.10
CA GLY C 139 -14.74 -5.01 18.53
C GLY C 139 -16.14 -4.67 18.06
N ASN C 140 -17.08 -5.60 18.08
CA ASN C 140 -18.45 -5.30 17.66
C ASN C 140 -19.41 -6.16 18.46
N SER C 141 -20.64 -5.66 18.61
CA SER C 141 -21.61 -6.33 19.47
C SER C 141 -22.25 -7.54 18.80
N GLU C 142 -22.20 -7.63 17.48
CA GLU C 142 -22.77 -8.78 16.78
C GLU C 142 -21.96 -10.05 17.06
N ALA C 143 -20.63 -9.95 17.03
CA ALA C 143 -19.81 -11.09 17.40
C ALA C 143 -20.04 -11.49 18.85
N ILE C 144 -20.31 -10.50 19.71
CA ILE C 144 -20.52 -10.79 21.14
C ILE C 144 -21.78 -11.62 21.34
N LYS C 145 -22.90 -11.17 20.77
CA LYS C 145 -24.16 -11.88 21.00
C LYS C 145 -24.11 -13.29 20.42
N HIS C 146 -23.44 -13.46 19.28
CA HIS C 146 -23.35 -14.79 18.69
C HIS C 146 -22.37 -15.68 19.45
N ALA C 147 -21.32 -15.10 20.03
CA ALA C 147 -20.45 -15.88 20.89
C ALA C 147 -21.18 -16.33 22.16
N VAL C 148 -21.95 -15.43 22.76
CA VAL C 148 -22.75 -15.80 23.93
C VAL C 148 -23.76 -16.87 23.56
N ARG C 149 -24.37 -16.73 22.38
CA ARG C 149 -25.35 -17.71 21.91
C ARG C 149 -24.76 -19.11 21.86
N HIS C 150 -23.47 -19.23 21.58
CA HIS C 150 -22.80 -20.52 21.51
C HIS C 150 -22.14 -20.93 22.82
N GLY C 151 -22.40 -20.20 23.90
CA GLY C 151 -21.94 -20.62 25.21
C GLY C 151 -20.56 -20.18 25.62
N LEU C 152 -19.91 -19.29 24.86
CA LEU C 152 -18.56 -18.87 25.19
C LEU C 152 -18.49 -18.03 26.46
N GLY C 153 -19.63 -17.58 26.98
CA GLY C 153 -19.66 -16.83 28.22
C GLY C 153 -20.96 -16.04 28.33
N VAL C 154 -20.90 -14.96 29.11
CA VAL C 154 -22.00 -14.03 29.26
C VAL C 154 -21.50 -12.64 28.87
N SER C 155 -22.43 -11.71 28.72
CA SER C 155 -22.07 -10.36 28.33
C SER C 155 -23.17 -9.40 28.73
N CYS C 156 -22.93 -8.12 28.48
CA CYS C 156 -23.88 -7.07 28.79
C CYS C 156 -23.94 -6.12 27.60
N LEU C 157 -25.08 -6.09 26.91
CA LEU C 157 -25.29 -5.24 25.75
C LEU C 157 -26.63 -4.52 25.88
N SER C 158 -26.86 -3.56 24.98
CA SER C 158 -28.14 -2.87 24.94
C SER C 158 -29.23 -3.84 24.49
N ARG C 159 -30.38 -3.76 25.15
CA ARG C 159 -31.52 -4.62 24.82
C ARG C 159 -31.90 -4.51 23.35
N ARG C 160 -31.69 -3.33 22.75
CA ARG C 160 -32.03 -3.15 21.34
C ARG C 160 -31.25 -4.13 20.46
N VAL C 161 -30.00 -4.40 20.82
CA VAL C 161 -29.15 -5.24 19.97
C VAL C 161 -29.65 -6.68 19.98
N ILE C 162 -30.03 -7.20 21.15
CA ILE C 162 -30.37 -8.60 21.29
C ILE C 162 -31.88 -8.83 21.33
N ALA C 163 -32.67 -7.81 20.97
CA ALA C 163 -34.11 -7.88 21.15
C ALA C 163 -34.71 -9.07 20.43
N GLU C 164 -34.39 -9.24 19.15
CA GLU C 164 -34.97 -10.32 18.36
C GLU C 164 -34.52 -11.69 18.88
N GLN C 165 -33.32 -11.77 19.46
CA GLN C 165 -32.86 -13.04 20.01
C GLN C 165 -33.55 -13.34 21.34
N LEU C 166 -33.91 -12.31 22.10
CA LEU C 166 -34.65 -12.53 23.35
C LEU C 166 -36.08 -13.00 23.06
N GLU C 167 -36.68 -12.52 21.96
CA GLU C 167 -38.05 -12.88 21.65
C GLU C 167 -38.16 -14.35 21.22
N THR C 168 -37.19 -14.84 20.45
CA THR C 168 -37.17 -16.23 20.06
C THR C 168 -36.62 -17.14 21.16
N GLY C 169 -35.87 -16.58 22.10
CA GLY C 169 -35.32 -17.35 23.20
C GLY C 169 -33.91 -17.83 23.00
N SER C 170 -33.25 -17.47 21.90
CA SER C 170 -31.87 -17.87 21.67
C SER C 170 -30.92 -17.22 22.67
N LEU C 171 -31.33 -16.11 23.29
CA LEU C 171 -30.60 -15.48 24.38
C LEU C 171 -31.58 -15.17 25.50
N VAL C 172 -31.09 -15.21 26.73
CA VAL C 172 -31.92 -15.03 27.91
C VAL C 172 -31.32 -13.94 28.79
N GLU C 173 -32.14 -12.96 29.16
CA GLU C 173 -31.72 -11.93 30.09
C GLU C 173 -31.47 -12.53 31.47
N VAL C 174 -30.43 -12.04 32.14
CA VAL C 174 -30.08 -12.51 33.48
C VAL C 174 -30.53 -11.47 34.49
N LYS C 175 -31.15 -11.93 35.57
CA LYS C 175 -31.59 -11.05 36.65
C LYS C 175 -30.38 -10.66 37.50
N VAL C 176 -30.07 -9.37 37.52
CA VAL C 176 -28.89 -8.84 38.18
C VAL C 176 -29.32 -8.16 39.47
N PRO C 177 -28.69 -8.47 40.62
CA PRO C 177 -29.06 -7.79 41.88
C PRO C 177 -28.54 -6.37 41.96
N LEU C 178 -28.91 -5.54 40.98
CA LEU C 178 -28.51 -4.15 40.87
C LEU C 178 -29.69 -3.38 40.32
N PRO C 179 -29.70 -2.06 40.45
CA PRO C 179 -30.72 -1.27 39.76
C PRO C 179 -30.61 -1.47 38.27
N PRO C 180 -31.72 -1.30 37.54
CA PRO C 180 -31.68 -1.47 36.08
C PRO C 180 -30.60 -0.62 35.43
N LEU C 181 -29.84 -1.23 34.52
CA LEU C 181 -28.63 -0.62 33.96
C LEU C 181 -29.01 0.35 32.84
N VAL C 182 -29.69 1.41 33.25
CA VAL C 182 -30.21 2.40 32.31
C VAL C 182 -29.12 3.41 31.99
N ARG C 183 -29.02 3.78 30.72
CA ARG C 183 -28.07 4.79 30.26
C ARG C 183 -28.78 5.77 29.34
N THR C 184 -28.20 6.96 29.21
CA THR C 184 -28.71 7.99 28.32
C THR C 184 -27.90 8.00 27.04
N LEU C 185 -28.59 8.01 25.90
CA LEU C 185 -27.96 8.22 24.61
C LEU C 185 -27.94 9.72 24.31
N TYR C 186 -26.77 10.23 23.96
CA TYR C 186 -26.55 11.66 23.84
C TYR C 186 -26.42 12.07 22.37
N ARG C 187 -26.89 13.27 22.08
CA ARG C 187 -26.63 13.96 20.83
C ARG C 187 -25.61 15.05 21.10
N ILE C 188 -24.57 15.10 20.27
CA ILE C 188 -23.46 16.00 20.50
C ILE C 188 -23.21 16.87 19.28
N HIS C 189 -22.61 18.03 19.52
CA HIS C 189 -22.12 18.91 18.47
C HIS C 189 -21.07 19.82 19.07
N HIS C 190 -20.27 20.42 18.21
CA HIS C 190 -19.28 21.39 18.66
C HIS C 190 -19.96 22.73 18.90
N ARG C 191 -19.59 23.38 20.02
CA ARG C 191 -20.23 24.63 20.42
C ARG C 191 -20.06 25.75 19.38
N GLN C 192 -19.22 25.57 18.38
CA GLN C 192 -19.09 26.55 17.30
C GLN C 192 -20.41 26.70 16.56
N LYS C 193 -20.80 25.66 15.81
CA LYS C 193 -22.08 25.67 15.11
C LYS C 193 -23.17 25.00 15.95
N SER C 197 -27.86 24.97 11.25
CA SER C 197 -28.05 24.69 9.83
C SER C 197 -29.45 24.13 9.58
N ALA C 198 -29.60 23.31 8.53
CA ALA C 198 -30.84 22.59 8.24
C ALA C 198 -30.97 21.31 9.05
N LEU C 199 -30.31 21.22 10.21
CA LEU C 199 -30.43 20.06 11.08
C LEU C 199 -31.76 20.01 11.81
N ALA C 200 -32.50 21.12 11.87
CA ALA C 200 -33.81 21.12 12.52
C ALA C 200 -34.79 20.21 11.79
N ARG C 201 -34.69 20.13 10.46
CA ARG C 201 -35.55 19.22 9.72
C ARG C 201 -35.24 17.76 10.08
N PHE C 202 -33.95 17.40 10.09
CA PHE C 202 -33.59 16.02 10.36
C PHE C 202 -33.81 15.67 11.83
N LEU C 203 -33.38 16.55 12.74
CA LEU C 203 -33.54 16.29 14.17
C LEU C 203 -35.01 16.15 14.57
N ARG C 204 -35.92 16.62 13.72
CA ARG C 204 -37.34 16.46 13.98
C ARG C 204 -37.76 14.98 13.93
N TYR C 205 -37.12 14.19 13.07
CA TYR C 205 -37.49 12.78 12.91
C TYR C 205 -36.88 11.88 13.98
N CYS C 206 -36.02 12.42 14.84
CA CYS C 206 -35.41 11.65 15.90
C CYS C 206 -36.23 11.61 17.18
N GLU C 207 -37.22 12.48 17.32
CA GLU C 207 -38.01 12.53 18.54
C GLU C 207 -39.07 11.43 18.52
N LEU C 208 -39.43 10.98 19.72
CA LEU C 208 -40.41 9.90 19.88
C LEU C 208 -41.84 10.41 19.65
N ILE D 11 -2.66 -17.04 20.12
CA ILE D 11 -3.33 -17.21 18.83
C ILE D 11 -4.15 -15.95 18.50
N ARG D 12 -3.48 -14.92 17.99
CA ARG D 12 -4.14 -13.69 17.60
C ARG D 12 -4.66 -13.82 16.18
N VAL D 13 -5.97 -13.73 16.02
CA VAL D 13 -6.61 -13.88 14.72
C VAL D 13 -7.33 -12.57 14.38
N TYR D 14 -7.33 -12.23 13.10
CA TYR D 14 -8.05 -11.08 12.57
C TYR D 14 -8.91 -11.57 11.42
N ALA D 15 -10.18 -11.15 11.41
CA ALA D 15 -11.14 -11.67 10.44
C ALA D 15 -12.03 -10.54 9.94
N SER D 16 -12.50 -10.69 8.70
CA SER D 16 -13.48 -9.75 8.16
C SER D 16 -14.82 -9.90 8.91
N SER D 17 -15.71 -8.94 8.68
CA SER D 17 -16.91 -8.82 9.51
C SER D 17 -17.82 -10.05 9.38
N THR D 18 -18.03 -10.54 8.14
CA THR D 18 -18.89 -11.71 7.94
C THR D 18 -18.28 -12.94 8.61
N ILE D 19 -16.98 -13.16 8.39
CA ILE D 19 -16.31 -14.32 8.98
C ILE D 19 -16.29 -14.22 10.50
N GLY D 20 -16.01 -13.03 11.02
CA GLY D 20 -15.91 -12.87 12.46
C GLY D 20 -17.24 -12.99 13.18
N ASN D 21 -18.30 -12.44 12.60
CA ASN D 21 -19.59 -12.40 13.30
C ASN D 21 -20.47 -13.60 13.00
N TYR D 22 -20.33 -14.24 11.84
CA TYR D 22 -21.29 -15.24 11.40
C TYR D 22 -20.71 -16.62 11.15
N ILE D 23 -19.40 -16.81 11.24
CA ILE D 23 -18.75 -18.10 11.04
C ILE D 23 -17.94 -18.52 12.25
N LEU D 24 -17.07 -17.64 12.73
CA LEU D 24 -16.10 -17.95 13.78
C LEU D 24 -16.70 -18.23 15.16
N PRO D 25 -17.75 -17.54 15.60
CA PRO D 25 -18.28 -17.81 16.96
C PRO D 25 -18.55 -19.29 17.24
N GLU D 26 -19.17 -20.00 16.30
CA GLU D 26 -19.44 -21.42 16.51
C GLU D 26 -18.16 -22.24 16.54
N ILE D 27 -17.13 -21.83 15.80
CA ILE D 27 -15.88 -22.56 15.80
C ILE D 27 -15.04 -22.22 17.02
N ILE D 28 -15.04 -20.94 17.42
CA ILE D 28 -14.30 -20.53 18.62
C ILE D 28 -14.83 -21.27 19.84
N ALA D 29 -16.15 -21.46 19.92
CA ALA D 29 -16.72 -22.22 21.02
C ALA D 29 -16.22 -23.67 21.00
N ARG D 30 -16.12 -24.26 19.81
CA ARG D 30 -15.64 -25.64 19.71
C ARG D 30 -14.19 -25.76 20.13
N TYR D 31 -13.37 -24.76 19.82
CA TYR D 31 -11.97 -24.78 20.22
C TYR D 31 -11.82 -24.69 21.73
N ARG D 32 -12.66 -23.89 22.38
CA ARG D 32 -12.67 -23.82 23.84
C ARG D 32 -13.54 -24.89 24.47
N ARG D 33 -14.33 -25.62 23.68
CA ARG D 33 -15.25 -26.64 24.19
C ARG D 33 -14.54 -27.71 25.01
N PRO D 36 -10.85 -28.01 23.60
CA PRO D 36 -11.23 -27.65 24.93
C PRO D 36 -10.27 -26.71 25.73
N ASP D 37 -9.16 -26.28 25.13
CA ASP D 37 -8.27 -25.38 25.89
C ASP D 37 -7.34 -24.59 24.96
N LEU D 38 -6.39 -23.84 25.56
CA LEU D 38 -5.41 -22.91 25.00
C LEU D 38 -6.08 -21.56 24.73
N PRO D 39 -5.39 -20.43 25.00
CA PRO D 39 -6.02 -19.11 24.87
C PRO D 39 -6.14 -18.67 23.42
N LEU D 40 -7.38 -18.58 22.94
CA LEU D 40 -7.69 -18.02 21.64
C LEU D 40 -8.21 -16.60 21.81
N GLU D 41 -7.72 -15.68 20.98
CA GLU D 41 -8.14 -14.29 21.03
C GLU D 41 -8.43 -13.80 19.62
N MET D 42 -9.64 -13.33 19.39
CA MET D 42 -10.10 -12.89 18.08
C MET D 42 -10.29 -11.38 18.03
N SER D 43 -9.98 -10.81 16.86
CA SER D 43 -10.30 -9.43 16.54
C SER D 43 -11.09 -9.41 15.23
N VAL D 44 -11.83 -8.32 15.01
CA VAL D 44 -12.69 -8.17 13.83
C VAL D 44 -12.48 -6.79 13.21
N GLY D 45 -12.44 -6.75 11.89
CA GLY D 45 -12.46 -5.51 11.15
C GLY D 45 -13.05 -5.80 9.78
N ASN D 46 -12.64 -5.00 8.80
CA ASN D 46 -12.95 -5.31 7.41
C ASN D 46 -11.72 -5.95 6.75
N SER D 47 -11.86 -6.32 5.49
CA SER D 47 -10.84 -7.14 4.84
C SER D 47 -9.49 -6.42 4.80
N LEU D 48 -9.50 -5.10 4.55
CA LEU D 48 -8.24 -4.36 4.52
C LEU D 48 -7.58 -4.33 5.90
N ASP D 49 -8.40 -4.25 6.96
CA ASP D 49 -7.86 -4.23 8.31
C ASP D 49 -7.07 -5.51 8.61
N VAL D 50 -7.57 -6.65 8.14
CA VAL D 50 -6.90 -7.92 8.42
C VAL D 50 -5.56 -7.98 7.69
N VAL D 51 -5.58 -7.66 6.38
CA VAL D 51 -4.37 -7.73 5.58
C VAL D 51 -3.27 -6.88 6.17
N GLN D 52 -3.62 -5.68 6.64
CA GLN D 52 -2.62 -4.77 7.19
C GLN D 52 -2.05 -5.29 8.50
N ALA D 53 -2.90 -5.88 9.35
CA ALA D 53 -2.41 -6.42 10.61
C ALA D 53 -1.59 -7.69 10.43
N VAL D 54 -1.70 -8.34 9.26
CA VAL D 54 -0.90 -9.54 9.00
C VAL D 54 0.53 -9.17 8.62
N CYS D 55 0.68 -8.14 7.78
CA CYS D 55 2.02 -7.65 7.46
C CYS D 55 2.73 -7.08 8.68
N ASP D 56 1.99 -6.53 9.63
CA ASP D 56 2.56 -5.93 10.84
C ASP D 56 2.86 -6.95 11.93
N PHE D 57 2.67 -8.24 11.66
CA PHE D 57 2.99 -9.33 12.58
C PHE D 57 2.23 -9.23 13.89
N ARG D 58 1.16 -8.44 13.94
CA ARG D 58 0.35 -8.36 15.16
C ARG D 58 -0.55 -9.59 15.31
N VAL D 59 -0.96 -10.20 14.21
CA VAL D 59 -1.76 -11.42 14.23
C VAL D 59 -0.99 -12.50 13.48
N ASP D 60 -1.28 -13.76 13.84
CA ASP D 60 -0.63 -14.92 13.23
C ASP D 60 -1.45 -15.54 12.11
N ILE D 61 -2.68 -15.08 11.89
CA ILE D 61 -3.56 -15.65 10.89
C ILE D 61 -4.60 -14.62 10.50
N GLY D 62 -4.99 -14.62 9.24
CA GLY D 62 -6.02 -13.71 8.76
C GLY D 62 -7.05 -14.46 7.93
N LEU D 63 -8.31 -14.07 8.13
CA LEU D 63 -9.43 -14.62 7.37
C LEU D 63 -10.16 -13.44 6.74
N ILE D 64 -10.08 -13.31 5.41
CA ILE D 64 -10.58 -12.13 4.73
C ILE D 64 -11.69 -12.51 3.75
N GLU D 65 -12.47 -11.49 3.38
CA GLU D 65 -13.65 -11.61 2.55
C GLU D 65 -13.43 -11.18 1.11
N GLY D 66 -12.27 -10.61 0.80
CA GLY D 66 -11.97 -10.19 -0.54
C GLY D 66 -10.62 -10.71 -0.99
N PRO D 67 -10.19 -10.32 -2.18
CA PRO D 67 -8.89 -10.79 -2.69
C PRO D 67 -7.74 -10.08 -2.00
N CYS D 68 -6.55 -10.65 -2.19
CA CYS D 68 -5.32 -10.07 -1.62
C CYS D 68 -4.14 -10.58 -2.47
N HIS D 69 -3.84 -9.85 -3.54
CA HIS D 69 -2.67 -10.15 -4.36
C HIS D 69 -1.49 -9.29 -3.89
N MET D 70 -0.98 -9.65 -2.71
CA MET D 70 0.18 -8.99 -2.12
C MET D 70 1.33 -9.98 -2.11
N ALA D 71 2.51 -9.49 -2.54
CA ALA D 71 3.67 -10.37 -2.66
C ALA D 71 4.04 -11.02 -1.34
N GLU D 72 3.93 -10.26 -0.24
CA GLU D 72 4.33 -10.76 1.07
C GLU D 72 3.22 -11.51 1.78
N ILE D 73 2.07 -11.72 1.15
CA ILE D 73 0.92 -12.38 1.77
C ILE D 73 0.67 -13.68 1.03
N VAL D 74 0.67 -14.79 1.77
CA VAL D 74 0.23 -16.08 1.23
C VAL D 74 -1.27 -16.19 1.47
N ALA D 75 -2.04 -16.06 0.40
CA ALA D 75 -3.49 -16.18 0.47
C ALA D 75 -3.92 -17.51 -0.11
N GLN D 76 -4.68 -18.27 0.66
CA GLN D 76 -5.17 -19.57 0.22
C GLN D 76 -6.69 -19.61 0.35
N PRO D 77 -7.39 -20.14 -0.64
CA PRO D 77 -8.85 -20.28 -0.52
C PRO D 77 -9.21 -21.17 0.66
N TRP D 78 -10.31 -20.81 1.33
CA TRP D 78 -10.73 -21.51 2.53
C TRP D 78 -12.17 -21.97 2.40
N LEU D 79 -13.06 -21.04 2.04
CA LEU D 79 -14.47 -21.30 1.87
C LEU D 79 -14.99 -20.51 0.68
N GLU D 80 -16.19 -20.85 0.23
CA GLU D 80 -16.91 -20.05 -0.74
C GLU D 80 -18.14 -19.46 -0.08
N ASP D 81 -18.56 -18.28 -0.56
CA ASP D 81 -19.60 -17.50 0.08
C ASP D 81 -20.47 -16.88 -0.99
N GLU D 82 -21.79 -16.99 -0.82
CA GLU D 82 -22.75 -16.54 -1.82
C GLU D 82 -23.29 -15.16 -1.44
N LEU D 83 -22.88 -14.14 -2.18
CA LEU D 83 -23.44 -12.81 -2.03
C LEU D 83 -24.82 -12.76 -2.66
N VAL D 84 -25.79 -12.19 -1.94
CA VAL D 84 -27.20 -12.26 -2.33
C VAL D 84 -27.81 -10.87 -2.27
N VAL D 85 -28.56 -10.51 -3.31
CA VAL D 85 -29.29 -9.25 -3.34
C VAL D 85 -30.60 -9.44 -2.57
N PHE D 86 -30.90 -8.50 -1.67
CA PHE D 86 -32.04 -8.64 -0.77
C PHE D 86 -32.87 -7.37 -0.75
N ALA D 87 -34.07 -7.48 -0.21
CA ALA D 87 -35.01 -6.36 -0.19
C ALA D 87 -36.07 -6.60 0.88
N SER D 88 -36.74 -5.53 1.25
CA SER D 88 -37.99 -5.61 1.99
C SER D 88 -39.13 -5.79 1.02
N PRO D 89 -40.34 -6.13 1.51
CA PRO D 89 -41.52 -6.13 0.62
C PRO D 89 -41.60 -4.87 -0.22
N ALA D 90 -41.49 -5.04 -1.54
CA ALA D 90 -41.39 -3.94 -2.49
C ALA D 90 -40.20 -3.03 -2.17
N GLU D 95 -41.77 -7.45 -8.81
CA GLU D 95 -42.50 -8.28 -9.76
C GLU D 95 -41.88 -8.19 -11.15
N GLY D 96 -42.28 -9.11 -12.02
CA GLY D 96 -41.82 -9.12 -13.40
C GLY D 96 -40.42 -9.70 -13.53
N GLU D 97 -40.00 -9.86 -14.79
CA GLU D 97 -38.69 -10.41 -15.10
C GLU D 97 -37.58 -9.41 -14.76
N THR D 99 -35.42 -7.06 -14.22
CA THR D 99 -34.25 -7.13 -15.09
C THR D 99 -33.08 -6.34 -14.52
N LEU D 100 -32.15 -5.97 -15.39
CA LEU D 100 -31.01 -5.16 -14.96
C LEU D 100 -31.44 -3.73 -14.65
N GLU D 101 -32.20 -3.10 -15.56
CA GLU D 101 -32.59 -1.71 -15.38
C GLU D 101 -33.42 -1.54 -14.12
N ARG D 102 -34.25 -2.51 -13.80
CA ARG D 102 -35.09 -2.43 -12.62
C ARG D 102 -34.31 -2.69 -11.34
N ALA D 104 -31.40 -1.43 -11.04
CA ALA D 104 -30.53 -0.27 -11.10
C ALA D 104 -31.23 0.96 -10.51
N ALA D 105 -32.52 1.09 -10.83
CA ALA D 105 -33.30 2.22 -10.33
C ALA D 105 -33.35 2.26 -8.81
N MET D 106 -33.32 1.08 -8.18
CA MET D 106 -33.47 1.01 -6.74
C MET D 106 -32.31 1.72 -6.05
N PRO D 107 -32.54 2.28 -4.85
CA PRO D 107 -31.46 2.94 -4.11
C PRO D 107 -30.54 1.92 -3.46
N TRP D 108 -29.29 1.87 -3.91
CA TRP D 108 -28.33 0.87 -3.48
C TRP D 108 -27.45 1.43 -2.36
N ILE D 109 -27.50 0.78 -1.20
CA ILE D 109 -26.65 1.12 -0.05
C ILE D 109 -25.49 0.14 -0.05
N LEU D 110 -24.26 0.65 -0.11
CA LEU D 110 -23.08 -0.18 -0.31
C LEU D 110 -22.08 0.04 0.82
N ARG D 111 -21.25 -0.97 1.05
CA ARG D 111 -20.21 -0.88 2.08
C ARG D 111 -19.13 0.11 1.67
N GLU D 112 -18.33 0.49 2.65
CA GLU D 112 -17.21 1.38 2.39
C GLU D 112 -16.16 0.69 1.53
N LYS D 113 -15.30 1.49 0.90
CA LYS D 113 -14.15 0.94 0.22
C LYS D 113 -13.15 0.44 1.24
N GLY D 114 -12.52 -0.70 0.94
CA GLY D 114 -11.67 -1.42 1.86
C GLY D 114 -12.28 -2.70 2.38
N SER D 115 -13.59 -2.88 2.19
CA SER D 115 -14.25 -4.13 2.52
C SER D 115 -14.24 -5.03 1.29
N GLY D 116 -13.94 -6.31 1.51
CA GLY D 116 -14.00 -7.27 0.42
C GLY D 116 -15.37 -7.31 -0.23
N THR D 117 -16.44 -7.07 0.55
CA THR D 117 -17.78 -7.11 0.00
C THR D 117 -17.99 -5.99 -1.02
N ARG D 118 -17.42 -4.81 -0.77
CA ARG D 118 -17.54 -3.72 -1.74
C ARG D 118 -16.84 -4.08 -3.04
N GLU D 119 -15.70 -4.77 -2.96
CA GLU D 119 -14.98 -5.19 -4.15
C GLU D 119 -15.81 -6.16 -4.99
N ILE D 120 -16.27 -7.25 -4.37
CA ILE D 120 -16.83 -8.36 -5.15
C ILE D 120 -18.19 -7.98 -5.74
N VAL D 121 -19.03 -7.27 -4.98
CA VAL D 121 -20.34 -6.91 -5.52
C VAL D 121 -20.20 -5.92 -6.67
N ASP D 122 -19.11 -5.14 -6.70
CA ASP D 122 -18.93 -4.20 -7.80
C ASP D 122 -18.55 -4.93 -9.08
N TYR D 123 -17.68 -5.95 -8.98
CA TYR D 123 -17.25 -6.67 -10.18
C TYR D 123 -18.34 -7.62 -10.66
N LEU D 124 -19.02 -8.31 -9.75
CA LEU D 124 -20.06 -9.26 -10.10
C LEU D 124 -21.44 -8.63 -10.20
N LEU D 125 -21.57 -7.33 -9.95
CA LEU D 125 -22.87 -6.66 -9.99
C LEU D 125 -22.71 -5.15 -10.05
N LEU D 134 -25.95 5.43 -5.27
CA LEU D 134 -25.01 5.58 -4.16
C LEU D 134 -25.76 5.99 -2.89
N SER D 135 -27.08 5.72 -2.84
CA SER D 135 -27.98 6.18 -1.79
C SER D 135 -27.28 6.53 -0.49
N MET D 136 -26.41 5.64 -0.01
CA MET D 136 -25.62 5.91 1.19
C MET D 136 -24.50 4.89 1.29
N GLU D 137 -23.36 5.33 1.82
CA GLU D 137 -22.23 4.47 2.13
C GLU D 137 -22.20 4.25 3.63
N LEU D 138 -22.23 2.99 4.06
CA LEU D 138 -22.26 2.63 5.46
C LEU D 138 -21.12 1.67 5.79
N GLY D 139 -20.54 1.82 6.98
CA GLY D 139 -19.32 1.14 7.35
C GLY D 139 -19.44 -0.26 7.90
N ASN D 140 -20.66 -0.79 8.06
CA ASN D 140 -20.83 -2.16 8.51
C ASN D 140 -22.08 -2.74 7.88
N SER D 141 -22.12 -4.07 7.82
CA SER D 141 -23.19 -4.78 7.13
C SER D 141 -24.49 -4.84 7.92
N GLU D 142 -24.47 -4.54 9.22
CA GLU D 142 -25.72 -4.52 9.97
C GLU D 142 -26.55 -3.28 9.64
N ALA D 143 -25.90 -2.11 9.58
CA ALA D 143 -26.61 -0.89 9.21
C ALA D 143 -27.15 -0.99 7.79
N ILE D 144 -26.37 -1.52 6.87
CA ILE D 144 -26.84 -1.74 5.50
C ILE D 144 -28.06 -2.64 5.49
N LYS D 145 -27.98 -3.74 6.23
CA LYS D 145 -29.08 -4.70 6.30
C LYS D 145 -30.37 -4.04 6.78
N HIS D 146 -30.28 -3.25 7.86
CA HIS D 146 -31.49 -2.72 8.46
C HIS D 146 -32.01 -1.48 7.75
N ALA D 147 -31.13 -0.73 7.08
CA ALA D 147 -31.62 0.31 6.19
C ALA D 147 -32.51 -0.27 5.10
N VAL D 148 -32.18 -1.48 4.64
CA VAL D 148 -32.99 -2.14 3.61
C VAL D 148 -34.34 -2.54 4.18
N ARG D 149 -34.35 -3.19 5.34
CA ARG D 149 -35.60 -3.72 5.88
C ARG D 149 -36.60 -2.61 6.21
N HIS D 150 -36.12 -1.39 6.44
CA HIS D 150 -36.98 -0.25 6.70
C HIS D 150 -37.31 0.54 5.45
N GLY D 151 -36.87 0.08 4.28
CA GLY D 151 -37.27 0.65 3.02
C GLY D 151 -36.38 1.72 2.44
N LEU D 152 -35.23 2.00 3.07
CA LEU D 152 -34.31 2.98 2.50
C LEU D 152 -33.86 2.58 1.11
N GLY D 153 -33.63 1.28 0.90
CA GLY D 153 -33.26 0.77 -0.40
C GLY D 153 -33.07 -0.73 -0.40
N VAL D 154 -32.24 -1.22 -1.33
CA VAL D 154 -31.90 -2.64 -1.41
C VAL D 154 -30.39 -2.73 -1.64
N SER D 155 -29.82 -3.88 -1.26
CA SER D 155 -28.36 -4.02 -1.25
C SER D 155 -28.00 -5.49 -1.44
N CYS D 156 -26.69 -5.74 -1.47
CA CYS D 156 -26.13 -7.07 -1.66
C CYS D 156 -25.09 -7.34 -0.60
N LEU D 157 -25.33 -8.36 0.22
CA LEU D 157 -24.40 -8.82 1.24
C LEU D 157 -24.26 -10.33 1.13
N SER D 158 -23.45 -10.92 2.00
CA SER D 158 -23.39 -12.37 2.08
C SER D 158 -24.69 -12.92 2.62
N ARG D 159 -25.11 -14.07 2.07
CA ARG D 159 -26.33 -14.71 2.55
C ARG D 159 -26.22 -15.11 4.01
N ARG D 160 -25.00 -15.36 4.48
CA ARG D 160 -24.81 -15.66 5.90
C ARG D 160 -25.29 -14.49 6.77
N VAL D 161 -25.06 -13.26 6.31
CA VAL D 161 -25.40 -12.09 7.10
C VAL D 161 -26.92 -11.89 7.19
N ILE D 162 -27.65 -12.24 6.13
CA ILE D 162 -29.08 -11.94 6.05
C ILE D 162 -29.92 -13.21 6.16
N ALA D 163 -29.35 -14.32 6.61
CA ALA D 163 -30.10 -15.57 6.65
C ALA D 163 -31.21 -15.52 7.67
N GLU D 164 -30.89 -15.17 8.93
CA GLU D 164 -31.88 -15.06 9.98
C GLU D 164 -33.08 -14.22 9.58
N GLN D 165 -32.92 -13.34 8.59
CA GLN D 165 -34.00 -12.47 8.16
C GLN D 165 -34.91 -13.15 7.13
N LEU D 166 -34.31 -13.88 6.18
CA LEU D 166 -35.12 -14.53 5.14
C LEU D 166 -36.01 -15.62 5.72
N GLU D 167 -35.54 -16.32 6.75
CA GLU D 167 -36.36 -17.36 7.37
C GLU D 167 -37.48 -16.76 8.21
N THR D 168 -37.22 -15.62 8.87
CA THR D 168 -38.29 -14.92 9.57
C THR D 168 -39.09 -14.00 8.65
N GLY D 169 -38.62 -13.76 7.43
CA GLY D 169 -39.36 -13.00 6.45
C GLY D 169 -39.14 -11.50 6.47
N SER D 170 -38.35 -10.98 7.41
CA SER D 170 -38.05 -9.55 7.42
C SER D 170 -37.36 -9.13 6.12
N LEU D 171 -36.44 -9.96 5.64
CA LEU D 171 -35.76 -9.71 4.37
C LEU D 171 -36.22 -10.73 3.34
N VAL D 172 -36.39 -10.25 2.10
CA VAL D 172 -36.84 -11.07 0.99
C VAL D 172 -35.71 -11.17 -0.01
N GLU D 173 -35.37 -12.40 -0.40
CA GLU D 173 -34.30 -12.63 -1.36
C GLU D 173 -34.78 -12.27 -2.77
N VAL D 174 -33.97 -11.47 -3.46
CA VAL D 174 -34.29 -11.03 -4.82
C VAL D 174 -33.60 -11.96 -5.79
N LYS D 175 -34.38 -12.77 -6.51
CA LYS D 175 -33.84 -13.56 -7.60
C LYS D 175 -33.31 -12.63 -8.68
N VAL D 176 -32.00 -12.62 -8.87
CA VAL D 176 -31.36 -11.75 -9.86
C VAL D 176 -30.96 -12.61 -11.06
N PRO D 177 -31.31 -12.20 -12.29
CA PRO D 177 -31.04 -13.01 -13.49
C PRO D 177 -29.58 -12.92 -13.95
N LEU D 178 -28.65 -13.09 -13.02
CA LEU D 178 -27.23 -12.92 -13.24
C LEU D 178 -26.49 -14.20 -12.88
N PRO D 179 -25.24 -14.35 -13.32
CA PRO D 179 -24.43 -15.48 -12.87
C PRO D 179 -24.33 -15.51 -11.35
N PRO D 180 -24.34 -16.69 -10.74
CA PRO D 180 -24.38 -16.76 -9.27
C PRO D 180 -23.24 -15.98 -8.64
N LEU D 181 -23.54 -15.30 -7.54
CA LEU D 181 -22.60 -14.36 -6.91
C LEU D 181 -21.82 -15.06 -5.80
N VAL D 182 -20.91 -15.93 -6.24
CA VAL D 182 -20.04 -16.68 -5.33
C VAL D 182 -18.68 -16.01 -5.30
N ARG D 183 -18.12 -15.85 -4.10
CA ARG D 183 -16.77 -15.38 -3.90
C ARG D 183 -16.02 -16.43 -3.08
N THR D 184 -14.77 -16.10 -2.70
CA THR D 184 -13.92 -17.02 -1.97
C THR D 184 -13.39 -16.34 -0.72
N LEU D 185 -13.66 -16.94 0.44
CA LEU D 185 -13.05 -16.50 1.69
C LEU D 185 -11.64 -17.07 1.79
N TYR D 186 -10.66 -16.21 2.03
CA TYR D 186 -9.25 -16.60 2.03
C TYR D 186 -8.70 -16.68 3.45
N ARG D 187 -7.69 -17.53 3.61
CA ARG D 187 -6.93 -17.64 4.85
C ARG D 187 -5.50 -17.18 4.55
N ILE D 188 -5.14 -16.01 5.05
CA ILE D 188 -3.90 -15.36 4.69
C ILE D 188 -2.93 -15.43 5.87
N HIS D 189 -1.64 -15.41 5.55
CA HIS D 189 -0.58 -15.38 6.54
C HIS D 189 0.68 -14.84 5.87
N HIS D 190 1.63 -14.41 6.70
CA HIS D 190 2.85 -13.80 6.19
C HIS D 190 3.76 -14.85 5.55
N ARG D 191 4.37 -14.48 4.43
CA ARG D 191 5.27 -15.39 3.73
C ARG D 191 6.44 -15.82 4.60
N GLN D 192 7.03 -14.87 5.33
CA GLN D 192 8.29 -15.13 6.02
C GLN D 192 8.06 -15.89 7.32
N LYS D 193 7.05 -15.50 8.09
CA LYS D 193 6.65 -16.24 9.28
C LYS D 193 5.69 -17.34 8.85
N HIS D 194 6.17 -18.57 8.78
CA HIS D 194 5.35 -19.66 8.31
C HIS D 194 4.57 -20.28 9.48
N LEU D 195 3.58 -21.09 9.12
CA LEU D 195 2.55 -21.50 10.06
C LEU D 195 2.59 -23.00 10.31
N SER D 196 2.02 -23.39 11.46
CA SER D 196 1.95 -24.76 11.93
C SER D 196 1.31 -24.77 13.31
N SER D 197 2.05 -25.23 14.31
CA SER D 197 1.72 -25.04 15.74
C SER D 197 0.37 -25.68 16.04
N ALA D 198 -0.36 -25.10 17.00
CA ALA D 198 -1.68 -25.57 17.39
C ALA D 198 -2.76 -25.17 16.40
N LEU D 199 -2.41 -24.43 15.34
CA LEU D 199 -3.40 -24.03 14.34
C LEU D 199 -3.98 -25.22 13.59
N ALA D 200 -3.28 -26.36 13.59
CA ALA D 200 -3.72 -27.52 12.82
C ALA D 200 -5.13 -27.96 13.21
N ARG D 201 -5.33 -28.33 14.47
CA ARG D 201 -6.65 -28.78 14.90
C ARG D 201 -7.67 -27.65 14.89
N PHE D 202 -7.23 -26.42 15.20
CA PHE D 202 -8.07 -25.24 15.01
C PHE D 202 -8.60 -25.20 13.58
N LEU D 203 -7.70 -25.08 12.60
CA LEU D 203 -8.11 -24.96 11.22
C LEU D 203 -8.84 -26.20 10.72
N ARG D 204 -8.65 -27.35 11.39
CA ARG D 204 -9.45 -28.52 11.04
C ARG D 204 -10.93 -28.29 11.35
N TYR D 205 -11.21 -27.61 12.46
CA TYR D 205 -12.59 -27.30 12.84
C TYR D 205 -13.20 -26.19 11.98
N CYS D 206 -12.42 -25.56 11.12
CA CYS D 206 -12.92 -24.51 10.24
C CYS D 206 -13.35 -25.04 8.87
N GLU D 207 -13.18 -26.33 8.61
CA GLU D 207 -13.46 -26.89 7.30
C GLU D 207 -14.92 -27.36 7.21
N LEU D 208 -15.30 -27.81 6.02
CA LEU D 208 -16.63 -28.35 5.79
C LEU D 208 -16.65 -29.85 6.07
S SO3 E . 11.67 10.24 -10.00
O1 SO3 E . 12.40 8.99 -10.20
O2 SO3 E . 11.98 11.23 -11.02
O3 SO3 E . 10.22 10.05 -9.91
S SO3 F . 21.51 -4.39 -16.46
O1 SO3 F . 20.70 -3.32 -15.88
O2 SO3 F . 22.44 -4.93 -15.47
O3 SO3 F . 20.65 -5.46 -16.99
S SO3 G . -20.49 1.86 21.08
O1 SO3 G . -20.19 1.21 19.80
O2 SO3 G . -20.59 0.88 22.16
O3 SO3 G . -19.50 2.86 21.43
S SO3 H . -15.74 -7.31 4.97
O1 SO3 H . -14.58 -6.82 4.23
O2 SO3 H . -15.84 -6.67 6.28
O3 SO3 H . -16.97 -7.13 4.19
#